data_5I3S
#
_entry.id   5I3S
#
_cell.length_a   56.004
_cell.length_b   131.391
_cell.length_c   80.901
_cell.angle_alpha   90.000
_cell.angle_beta   104.430
_cell.angle_gamma   90.000
#
_symmetry.space_group_name_H-M   'P 1 21 1'
#
loop_
_entity.id
_entity.type
_entity.pdbx_description
1 polymer 'Inositol monophosphatase family protein'
2 non-polymer 'PHOSPHATE ION'
3 water water
#
_entity_poly.entity_id   1
_entity_poly.type   'polypeptide(L)'
_entity_poly.pdbx_seq_one_letter_code
;MALYGFAQGLIQEAGIRIKQLMEQNLTIETKSNPNDLVTNVDKATEDFIFDTILETYPNHQVLGEEGHGHDIDTSKGTVW
VVDPIDGTLNFVHQQENFAISIGIYIDGKPYAGFVYDVMADVLYHAKVGEGAYRGSQPLKPLNDSNLRQSIIGINPNWLT
KPILGEIFKEIVNDSRSARAYGSAALEIVSVATGNLEAYMTPRLQPWDFAGGLVILYEVNGQASNLLGEPLTISGPNSIL
VGNRGLHQEISNDYLEPHHDALIQLHEQRFKRKSK
;
_entity_poly.pdbx_strand_id   A,B,C,D
#
# COMPACT_ATOMS: atom_id res chain seq x y z
N MET A 1 14.47 25.16 1.08
CA MET A 1 14.09 23.71 0.94
C MET A 1 15.11 22.92 0.11
N ALA A 2 16.18 23.56 -0.36
CA ALA A 2 17.04 22.98 -1.38
C ALA A 2 17.79 21.78 -0.84
N LEU A 3 18.55 22.01 0.24
CA LEU A 3 19.36 21.01 0.91
C LEU A 3 18.52 19.83 1.48
N TYR A 4 17.36 20.13 2.07
CA TYR A 4 16.36 19.15 2.46
C TYR A 4 15.97 18.21 1.33
N GLY A 5 15.64 18.80 0.17
CA GLY A 5 15.26 18.07 -1.02
C GLY A 5 16.36 17.18 -1.52
N PHE A 6 17.59 17.71 -1.62
CA PHE A 6 18.80 16.93 -1.93
C PHE A 6 18.98 15.73 -0.95
N ALA A 7 18.71 15.94 0.33
CA ALA A 7 18.91 14.87 1.31
C ALA A 7 17.89 13.76 1.09
N GLN A 8 16.64 14.17 0.90
CA GLN A 8 15.51 13.29 0.66
C GLN A 8 15.75 12.34 -0.51
N GLY A 9 16.17 12.86 -1.64
CA GLY A 9 16.40 12.05 -2.82
C GLY A 9 17.58 11.14 -2.66
N LEU A 10 18.67 11.71 -2.15
CA LEU A 10 19.87 10.95 -1.79
C LEU A 10 19.57 9.73 -0.93
N ILE A 11 18.79 9.89 0.13
CA ILE A 11 18.58 8.73 1.03
C ILE A 11 17.76 7.64 0.30
N GLN A 12 16.75 8.06 -0.47
CA GLN A 12 15.92 7.16 -1.26
C GLN A 12 16.73 6.43 -2.33
N GLU A 13 17.58 7.17 -3.01
CA GLU A 13 18.43 6.61 -4.03
C GLU A 13 19.46 5.62 -3.43
N ALA A 14 20.05 5.98 -2.28
CA ALA A 14 20.91 5.05 -1.50
C ALA A 14 20.13 3.79 -1.10
N GLY A 15 18.83 3.90 -0.85
CA GLY A 15 18.01 2.71 -0.55
C GLY A 15 17.94 1.76 -1.75
N ILE A 16 17.69 2.32 -2.94
CA ILE A 16 17.69 1.54 -4.19
C ILE A 16 18.99 0.78 -4.41
N ARG A 17 20.11 1.42 -4.11
CA ARG A 17 21.40 0.74 -4.20
C ARG A 17 21.62 -0.35 -3.16
N ILE A 18 21.04 -0.20 -1.96
CA ILE A 18 21.03 -1.30 -0.99
C ILE A 18 20.28 -2.55 -1.53
N LYS A 19 19.07 -2.36 -2.06
CA LYS A 19 18.31 -3.50 -2.65
C LYS A 19 19.04 -4.16 -3.86
N GLN A 20 19.68 -3.35 -4.70
CA GLN A 20 20.51 -3.88 -5.78
C GLN A 20 21.66 -4.75 -5.30
N LEU A 21 22.35 -4.32 -4.24
CA LEU A 21 23.41 -5.13 -3.67
C LEU A 21 22.89 -6.44 -3.08
N MET A 22 21.74 -6.37 -2.39
CA MET A 22 21.13 -7.57 -1.84
C MET A 22 20.74 -8.55 -2.95
N GLU A 23 20.09 -8.04 -4.01
CA GLU A 23 19.77 -8.88 -5.20
C GLU A 23 21.01 -9.63 -5.79
N GLN A 24 22.10 -8.92 -6.10
CA GLN A 24 23.32 -9.52 -6.72
C GLN A 24 23.82 -10.80 -6.01
N ASN A 25 23.89 -10.71 -4.69
CA ASN A 25 24.26 -11.79 -3.78
C ASN A 25 23.28 -13.01 -3.73
N LEU A 26 22.18 -12.97 -4.48
CA LEU A 26 21.23 -14.10 -4.66
C LEU A 26 21.39 -14.72 -6.06
N ASN A 35 27.80 -13.12 7.53
CA ASN A 35 27.96 -11.75 8.04
C ASN A 35 28.96 -10.85 7.24
N ASP A 36 29.28 -11.19 5.98
CA ASP A 36 30.18 -10.37 5.08
C ASP A 36 29.44 -9.40 4.10
N LEU A 37 28.22 -9.75 3.69
CA LEU A 37 27.41 -8.85 2.85
C LEU A 37 27.08 -7.50 3.54
N VAL A 38 26.79 -7.55 4.83
CA VAL A 38 26.38 -6.35 5.57
C VAL A 38 27.50 -5.33 5.75
N THR A 39 28.71 -5.79 6.10
CA THR A 39 29.91 -4.96 6.07
C THR A 39 30.08 -4.33 4.70
N ASN A 40 29.97 -5.14 3.63
CA ASN A 40 30.17 -4.65 2.27
C ASN A 40 29.12 -3.62 1.86
N VAL A 41 27.83 -3.93 2.10
CA VAL A 41 26.72 -2.96 1.83
C VAL A 41 26.82 -1.70 2.70
N ASP A 42 27.29 -1.84 3.93
CA ASP A 42 27.46 -0.73 4.86
C ASP A 42 28.49 0.28 4.28
N LYS A 43 29.64 -0.23 3.86
CA LYS A 43 30.70 0.59 3.23
C LYS A 43 30.20 1.20 1.93
N ALA A 44 29.57 0.39 1.08
CA ALA A 44 29.06 0.87 -0.21
C ALA A 44 28.13 2.06 0.00
N THR A 45 27.18 1.86 0.91
CA THR A 45 26.15 2.87 1.17
C THR A 45 26.75 4.16 1.76
N GLU A 46 27.69 4.04 2.70
CA GLU A 46 28.28 5.28 3.28
C GLU A 46 29.16 6.04 2.27
N ASP A 47 29.94 5.29 1.50
CA ASP A 47 30.80 5.92 0.45
C ASP A 47 29.97 6.63 -0.61
N PHE A 48 28.82 6.05 -1.00
CA PHE A 48 27.90 6.73 -1.92
C PHE A 48 27.36 7.99 -1.28
N ILE A 49 26.90 7.88 -0.03
CA ILE A 49 26.31 9.05 0.69
C ILE A 49 27.35 10.16 0.94
N PHE A 50 28.51 9.76 1.45
CA PHE A 50 29.65 10.68 1.59
C PHE A 50 29.99 11.41 0.26
N ASP A 51 30.17 10.64 -0.81
CA ASP A 51 30.69 11.22 -2.07
C ASP A 51 29.72 12.13 -2.75
N THR A 52 28.45 11.80 -2.68
CA THR A 52 27.41 12.65 -3.22
C THR A 52 27.29 13.97 -2.46
N ILE A 53 27.37 13.93 -1.12
CA ILE A 53 27.35 15.16 -0.31
C ILE A 53 28.58 16.04 -0.69
N LEU A 54 29.80 15.47 -0.62
CA LEU A 54 31.08 16.15 -0.94
C LEU A 54 31.13 16.78 -2.34
N GLU A 55 30.63 16.08 -3.35
CA GLU A 55 30.54 16.61 -4.73
C GLU A 55 29.70 17.88 -4.79
N THR A 56 28.62 17.91 -4.02
CA THR A 56 27.61 18.92 -4.18
C THR A 56 27.76 20.08 -3.22
N TYR A 57 28.14 19.78 -1.98
CA TYR A 57 28.40 20.79 -0.94
C TYR A 57 29.79 20.51 -0.41
N PRO A 58 30.85 21.07 -1.05
CA PRO A 58 32.19 20.57 -0.74
C PRO A 58 32.67 20.78 0.68
N ASN A 59 32.13 21.80 1.38
CA ASN A 59 32.52 22.18 2.77
C ASN A 59 31.72 21.54 3.90
N HIS A 60 30.72 20.74 3.58
CA HIS A 60 29.94 20.03 4.61
C HIS A 60 30.76 18.92 5.25
N GLN A 61 30.47 18.69 6.53
CA GLN A 61 31.11 17.65 7.29
C GLN A 61 30.13 16.48 7.41
N VAL A 62 30.69 15.27 7.47
CA VAL A 62 29.94 14.02 7.54
C VAL A 62 30.42 13.24 8.79
N LEU A 63 29.54 13.13 9.80
CA LEU A 63 29.79 12.28 10.96
C LEU A 63 29.14 10.93 10.73
N GLY A 64 29.96 9.91 10.48
CA GLY A 64 29.42 8.63 10.04
C GLY A 64 29.82 7.37 10.81
N GLU A 65 28.94 6.37 10.72
CA GLU A 65 29.05 5.11 11.42
C GLU A 65 30.27 4.39 10.90
N GLU A 66 30.37 4.31 9.58
CA GLU A 66 31.51 3.68 8.89
C GLU A 66 32.86 4.43 9.10
N GLY A 67 32.85 5.57 9.79
CA GLY A 67 34.05 6.19 10.35
C GLY A 67 34.36 7.62 9.90
N HIS A 68 33.70 8.11 8.84
CA HIS A 68 34.00 9.44 8.24
C HIS A 68 33.84 10.62 9.23
N ASP A 71 36.84 13.09 15.09
CA ASP A 71 37.63 14.31 15.33
C ASP A 71 36.97 15.47 14.58
N ILE A 72 35.68 15.63 14.86
CA ILE A 72 34.79 16.53 14.14
C ILE A 72 34.09 17.32 15.24
N ASP A 73 34.11 18.66 15.16
CA ASP A 73 33.39 19.52 16.11
C ASP A 73 31.99 19.83 15.56
N THR A 74 31.00 19.14 16.11
CA THR A 74 29.65 19.10 15.59
C THR A 74 28.87 20.39 15.86
N SER A 75 29.44 21.31 16.65
CA SER A 75 28.90 22.67 16.77
C SER A 75 29.24 23.68 15.60
N LYS A 76 30.23 23.40 14.76
CA LYS A 76 30.63 24.36 13.69
C LYS A 76 30.24 23.90 12.27
N GLY A 77 29.45 24.74 11.57
CA GLY A 77 29.12 24.52 10.17
C GLY A 77 28.06 23.45 9.97
N THR A 78 28.04 22.86 8.79
CA THR A 78 26.93 21.95 8.44
C THR A 78 27.45 20.51 8.58
N VAL A 79 26.66 19.67 9.28
CA VAL A 79 27.07 18.32 9.63
C VAL A 79 26.00 17.27 9.32
N TRP A 80 26.38 16.28 8.50
CA TRP A 80 25.53 15.16 8.12
C TRP A 80 25.89 14.02 9.05
N VAL A 81 24.94 13.54 9.85
CA VAL A 81 25.28 12.39 10.71
C VAL A 81 24.55 11.13 10.22
N VAL A 82 25.29 10.18 9.67
CA VAL A 82 24.67 9.11 8.91
C VAL A 82 24.94 7.73 9.47
N ASP A 83 23.89 6.92 9.59
CA ASP A 83 24.03 5.45 9.73
C ASP A 83 23.54 4.80 8.42
N PRO A 84 24.48 4.35 7.60
CA PRO A 84 24.14 3.61 6.37
C PRO A 84 23.17 2.46 6.62
N ILE A 85 23.38 1.64 7.65
CA ILE A 85 22.45 0.55 8.03
C ILE A 85 22.27 0.50 9.54
N ASP A 86 21.17 1.04 10.04
CA ASP A 86 20.79 0.88 11.41
C ASP A 86 19.86 -0.32 11.61
N GLY A 87 20.29 -1.27 12.42
CA GLY A 87 19.72 -2.57 12.49
C GLY A 87 20.47 -3.60 11.66
N THR A 88 21.80 -3.65 11.81
CA THR A 88 22.57 -4.57 10.99
C THR A 88 22.19 -6.05 11.24
N LEU A 89 21.94 -6.43 12.49
CA LEU A 89 21.45 -7.76 12.74
C LEU A 89 20.11 -8.04 12.08
N ASN A 90 19.17 -7.07 12.12
CA ASN A 90 17.92 -7.24 11.34
C ASN A 90 18.25 -7.51 9.84
N PHE A 91 19.10 -6.68 9.25
CA PHE A 91 19.57 -6.90 7.92
C PHE A 91 20.16 -8.32 7.72
N VAL A 92 21.09 -8.73 8.58
CA VAL A 92 21.72 -10.04 8.39
C VAL A 92 20.69 -11.17 8.52
N HIS A 93 19.87 -11.15 9.57
CA HIS A 93 18.94 -12.27 9.83
C HIS A 93 17.56 -12.28 9.20
N GLN A 94 17.00 -11.10 8.95
CA GLN A 94 15.63 -10.95 8.49
C GLN A 94 15.50 -10.34 7.09
N GLN A 95 16.59 -9.74 6.56
CA GLN A 95 16.59 -9.01 5.29
C GLN A 95 15.54 -7.91 5.19
N GLU A 96 15.31 -7.21 6.30
CA GLU A 96 14.36 -6.12 6.42
C GLU A 96 14.40 -5.65 7.86
N ASN A 97 13.59 -4.62 8.17
CA ASN A 97 13.55 -3.98 9.48
C ASN A 97 14.82 -3.28 9.86
N PHE A 98 15.41 -2.60 8.87
CA PHE A 98 16.60 -1.82 9.06
C PHE A 98 16.46 -0.53 8.30
N ALA A 99 17.10 0.53 8.78
CA ALA A 99 16.92 1.84 8.16
C ALA A 99 18.26 2.52 7.80
N ILE A 100 18.27 3.34 6.78
CA ILE A 100 19.30 4.35 6.69
C ILE A 100 18.76 5.57 7.45
N SER A 101 19.63 6.22 8.22
CA SER A 101 19.30 7.38 9.05
C SER A 101 20.25 8.54 8.80
N ILE A 102 19.71 9.73 8.59
CA ILE A 102 20.51 10.92 8.27
C ILE A 102 19.95 12.04 9.09
N GLY A 103 20.81 12.61 9.93
CA GLY A 103 20.47 13.83 10.64
C GLY A 103 21.36 14.92 10.10
N ILE A 104 20.78 16.08 9.92
CA ILE A 104 21.55 17.20 9.44
C ILE A 104 21.42 18.30 10.42
N TYR A 105 22.57 18.84 10.79
CA TYR A 105 22.66 19.87 11.83
C TYR A 105 23.43 21.05 11.27
N ILE A 106 22.99 22.28 11.58
CA ILE A 106 23.74 23.51 11.19
C ILE A 106 24.19 24.30 12.43
N ASP A 107 25.50 24.52 12.53
CA ASP A 107 26.13 25.24 13.64
C ASP A 107 25.64 24.70 14.96
N GLY A 108 25.66 23.37 15.08
CA GLY A 108 25.27 22.67 16.31
C GLY A 108 23.78 22.41 16.47
N LYS A 109 22.97 22.97 15.59
CA LYS A 109 21.52 23.03 15.75
C LYS A 109 20.81 22.12 14.72
N PRO A 110 19.82 21.30 15.17
CA PRO A 110 19.02 20.44 14.28
C PRO A 110 18.33 21.14 13.11
N TYR A 111 18.57 20.68 11.87
CA TYR A 111 17.88 21.23 10.69
C TYR A 111 16.88 20.22 10.15
N ALA A 112 17.31 19.00 9.85
CA ALA A 112 16.43 18.02 9.23
C ALA A 112 16.79 16.61 9.70
N GLY A 113 15.82 15.72 9.74
CA GLY A 113 16.05 14.29 9.98
C GLY A 113 15.28 13.33 9.05
N PHE A 114 15.92 12.18 8.79
CA PHE A 114 15.45 11.17 7.84
C PHE A 114 15.70 9.76 8.36
N VAL A 115 14.67 8.91 8.46
CA VAL A 115 14.87 7.46 8.65
C VAL A 115 14.08 6.68 7.60
N TYR A 116 14.83 5.97 6.75
CA TYR A 116 14.28 5.34 5.55
C TYR A 116 14.21 3.88 5.76
N ASP A 117 12.99 3.35 5.86
CA ASP A 117 12.78 1.91 6.06
C ASP A 117 12.88 1.33 4.65
N VAL A 118 14.07 0.88 4.32
CA VAL A 118 14.43 0.55 2.96
C VAL A 118 13.50 -0.55 2.38
N MET A 119 13.23 -1.62 3.14
CA MET A 119 12.49 -2.72 2.60
C MET A 119 10.99 -2.49 2.53
N ALA A 120 10.44 -1.54 3.27
CA ALA A 120 9.03 -1.17 3.06
C ALA A 120 8.86 0.02 2.13
N ASP A 121 9.93 0.63 1.69
CA ASP A 121 9.89 1.93 0.99
C ASP A 121 9.09 3.00 1.75
N VAL A 122 9.43 3.19 3.03
CA VAL A 122 8.78 4.22 3.83
C VAL A 122 9.84 5.13 4.42
N LEU A 123 9.78 6.38 4.03
CA LEU A 123 10.73 7.37 4.46
C LEU A 123 10.04 8.19 5.49
N TYR A 124 10.56 8.19 6.72
CA TYR A 124 10.11 9.14 7.73
C TYR A 124 11.03 10.37 7.64
N HIS A 125 10.45 11.55 7.75
CA HIS A 125 11.19 12.77 7.53
C HIS A 125 10.48 14.01 8.11
N ALA A 126 11.29 15.04 8.34
CA ALA A 126 10.91 16.23 9.13
C ALA A 126 11.98 17.29 8.92
N LYS A 127 11.57 18.51 8.64
CA LYS A 127 12.51 19.64 8.66
C LYS A 127 12.15 20.31 9.93
N VAL A 128 13.14 20.71 10.73
CA VAL A 128 12.84 21.39 12.02
C VAL A 128 11.84 22.54 11.76
N GLY A 129 10.76 22.63 12.56
CA GLY A 129 9.72 23.67 12.38
C GLY A 129 8.56 23.39 11.42
N GLU A 130 8.69 22.38 10.54
CA GLU A 130 7.71 22.14 9.47
C GLU A 130 6.90 20.85 9.54
N GLY A 131 6.91 20.16 10.69
CA GLY A 131 6.16 18.90 10.85
C GLY A 131 6.91 17.68 10.36
N ALA A 132 6.38 16.53 10.73
CA ALA A 132 6.96 15.25 10.49
C ALA A 132 6.03 14.44 9.62
N TYR A 133 6.65 13.60 8.77
CA TYR A 133 5.97 12.90 7.72
C TYR A 133 6.36 11.43 7.67
N ARG A 134 5.37 10.57 7.35
CA ARG A 134 5.54 9.21 6.84
C ARG A 134 5.15 9.24 5.34
N GLY A 135 6.12 9.15 4.44
CA GLY A 135 5.87 9.49 3.04
C GLY A 135 5.35 10.92 2.80
N SER A 136 4.16 11.03 2.20
CA SER A 136 3.47 12.33 2.05
C SER A 136 2.40 12.61 3.11
N GLN A 137 2.20 11.68 4.06
CA GLN A 137 1.21 11.84 5.15
C GLN A 137 1.84 12.45 6.41
N PRO A 138 1.21 13.50 6.96
CA PRO A 138 1.76 14.14 8.13
C PRO A 138 1.48 13.27 9.35
N LEU A 139 2.39 13.22 10.30
CA LEU A 139 2.16 12.56 11.59
C LEU A 139 1.49 13.55 12.54
N LYS A 140 0.59 13.05 13.36
CA LYS A 140 -0.11 13.81 14.41
C LYS A 140 0.78 13.99 15.64
N PRO A 141 0.62 15.13 16.36
CA PRO A 141 1.20 15.25 17.69
C PRO A 141 0.82 14.10 18.58
N LEU A 142 1.73 13.85 19.50
CA LEU A 142 1.58 12.81 20.47
C LEU A 142 0.71 13.33 21.59
N ASN A 143 0.02 12.41 22.25
CA ASN A 143 -0.75 12.68 23.47
C ASN A 143 -0.04 11.99 24.62
N ASP A 144 -0.21 12.58 25.80
CA ASP A 144 0.26 11.98 27.03
C ASP A 144 -0.38 10.59 27.30
N SER A 145 0.43 9.69 27.88
CA SER A 145 -0.07 8.43 28.43
C SER A 145 0.51 8.26 29.82
N ASN A 146 -0.19 7.46 30.62
CA ASN A 146 0.42 6.89 31.84
C ASN A 146 1.20 5.60 31.53
N LEU A 147 2.26 5.35 32.30
CA LEU A 147 3.10 4.15 32.09
C LEU A 147 2.27 2.86 32.15
N ARG A 148 1.33 2.83 33.10
CA ARG A 148 0.41 1.70 33.35
C ARG A 148 -0.44 1.29 32.12
N GLN A 149 -0.70 2.21 31.20
CA GLN A 149 -1.35 1.93 29.92
C GLN A 149 -0.42 2.06 28.71
N SER A 150 0.88 2.10 28.92
CA SER A 150 1.80 2.29 27.79
C SER A 150 2.52 0.97 27.47
N ILE A 151 2.86 0.81 26.20
CA ILE A 151 3.83 -0.17 25.70
C ILE A 151 5.13 0.53 25.44
N ILE A 152 6.23 -0.11 25.84
CA ILE A 152 7.55 0.45 25.78
C ILE A 152 8.47 -0.45 25.02
N GLY A 153 9.48 0.18 24.44
CA GLY A 153 10.50 -0.50 23.73
C GLY A 153 11.73 -0.63 24.61
N ILE A 154 12.22 -1.86 24.77
CA ILE A 154 13.43 -2.12 25.52
C ILE A 154 13.94 -3.49 25.20
N ASN A 155 15.22 -3.62 24.84
CA ASN A 155 15.76 -4.97 24.49
C ASN A 155 15.79 -5.82 25.75
N PRO A 156 15.27 -7.05 25.69
CA PRO A 156 15.41 -7.96 26.86
C PRO A 156 16.83 -8.10 27.46
N ASN A 157 17.86 -8.10 26.66
CA ASN A 157 19.26 -8.12 27.18
C ASN A 157 19.62 -7.11 28.29
N TRP A 158 18.95 -5.97 28.33
CA TRP A 158 19.21 -4.97 29.32
C TRP A 158 18.61 -5.33 30.66
N LEU A 159 17.62 -6.21 30.68
CA LEU A 159 17.10 -6.70 31.96
C LEU A 159 17.98 -7.74 32.63
N THR A 160 18.99 -8.28 31.94
CA THR A 160 19.94 -9.23 32.56
C THR A 160 21.15 -8.57 33.26
N LYS A 161 21.45 -7.30 32.93
CA LYS A 161 22.73 -6.69 33.32
C LYS A 161 22.72 -6.27 34.78
N PRO A 162 23.89 -6.26 35.42
CA PRO A 162 23.94 -5.80 36.78
C PRO A 162 23.54 -4.33 36.91
N ILE A 163 22.75 -4.06 37.95
CA ILE A 163 22.24 -2.71 38.30
C ILE A 163 21.21 -2.19 37.30
N LEU A 164 21.63 -2.04 36.07
CA LEU A 164 20.72 -1.67 34.98
C LEU A 164 19.45 -2.55 34.97
N GLY A 165 19.65 -3.87 35.04
CA GLY A 165 18.56 -4.83 35.19
C GLY A 165 17.54 -4.43 36.22
N GLU A 166 17.98 -4.18 37.44
CA GLU A 166 17.05 -3.96 38.55
C GLU A 166 16.27 -2.69 38.35
N ILE A 167 16.97 -1.67 37.87
CA ILE A 167 16.38 -0.38 37.55
C ILE A 167 15.37 -0.47 36.42
N PHE A 168 15.71 -1.10 35.29
CA PHE A 168 14.69 -1.27 34.24
C PHE A 168 13.52 -2.23 34.59
N LYS A 169 13.72 -3.13 35.58
CA LYS A 169 12.66 -4.11 35.95
C LYS A 169 11.37 -3.48 36.41
N GLU A 170 11.47 -2.43 37.22
CA GLU A 170 10.29 -1.75 37.75
C GLU A 170 9.52 -1.07 36.62
N ILE A 171 10.21 -0.43 35.68
CA ILE A 171 9.50 0.25 34.64
C ILE A 171 8.83 -0.79 33.69
N VAL A 172 9.46 -1.94 33.48
CA VAL A 172 8.85 -2.99 32.72
C VAL A 172 7.62 -3.56 33.46
N ASN A 173 7.77 -3.69 34.77
CA ASN A 173 6.73 -4.20 35.60
C ASN A 173 5.48 -3.33 35.57
N ASP A 174 5.66 -2.02 35.59
CA ASP A 174 4.50 -1.16 35.63
C ASP A 174 3.91 -0.99 34.23
N SER A 175 4.72 -1.00 33.19
CA SER A 175 4.16 -0.86 31.84
C SER A 175 3.19 -2.01 31.55
N ARG A 176 2.31 -1.74 30.60
CA ARG A 176 1.31 -2.72 30.20
C ARG A 176 1.97 -3.86 29.47
N SER A 177 2.90 -3.51 28.57
CA SER A 177 3.77 -4.53 27.98
C SER A 177 5.04 -3.93 27.36
N ALA A 178 5.90 -4.84 26.85
CA ALA A 178 7.16 -4.44 26.27
C ALA A 178 7.43 -5.13 24.92
N ARG A 179 8.18 -4.39 24.09
CA ARG A 179 8.50 -4.73 22.72
C ARG A 179 9.98 -4.42 22.48
N ALA A 180 10.56 -4.99 21.43
CA ALA A 180 11.91 -4.68 20.99
C ALA A 180 12.07 -5.14 19.56
N TYR A 181 12.49 -4.23 18.70
CA TYR A 181 12.47 -4.42 17.26
C TYR A 181 13.83 -4.45 16.64
N GLY A 182 14.83 -3.94 17.36
CA GLY A 182 16.23 -4.17 16.98
C GLY A 182 16.81 -3.09 16.07
N SER A 183 16.04 -2.03 15.77
CA SER A 183 16.56 -0.86 15.07
C SER A 183 16.26 0.44 15.78
N ALA A 184 17.26 1.03 16.42
CA ALA A 184 17.06 2.18 17.25
C ALA A 184 16.38 3.34 16.56
N ALA A 185 16.79 3.61 15.31
CA ALA A 185 16.19 4.71 14.54
C ALA A 185 14.71 4.46 14.25
N LEU A 186 14.39 3.21 13.89
CA LEU A 186 12.98 2.80 13.71
C LEU A 186 12.18 2.73 15.03
N GLU A 187 12.85 2.41 16.13
CA GLU A 187 12.16 2.45 17.45
C GLU A 187 11.80 3.88 17.90
N ILE A 188 12.69 4.83 17.62
CA ILE A 188 12.46 6.25 17.94
C ILE A 188 11.33 6.76 17.01
N VAL A 189 11.36 6.41 15.73
CA VAL A 189 10.18 6.67 14.87
C VAL A 189 8.88 5.99 15.36
N SER A 190 8.93 4.75 15.88
CA SER A 190 7.75 4.15 16.49
C SER A 190 7.20 4.99 17.62
N VAL A 191 8.06 5.70 18.35
CA VAL A 191 7.53 6.68 19.32
C VAL A 191 6.87 7.86 18.58
N ALA A 192 7.54 8.40 17.59
CA ALA A 192 6.97 9.48 16.82
C ALA A 192 5.61 9.15 16.20
N THR A 193 5.40 7.91 15.72
CA THR A 193 4.13 7.50 15.13
C THR A 193 3.09 7.05 16.12
N GLY A 194 3.45 6.89 17.39
CA GLY A 194 2.51 6.39 18.39
C GLY A 194 2.42 4.89 18.52
N ASN A 195 3.27 4.14 17.79
CA ASN A 195 3.30 2.69 17.92
C ASN A 195 3.92 2.19 19.23
N LEU A 196 4.79 2.98 19.82
CA LEU A 196 5.29 2.77 21.16
C LEU A 196 5.16 4.10 21.91
N GLU A 197 4.86 4.04 23.20
CA GLU A 197 4.74 5.23 24.01
C GLU A 197 6.08 5.63 24.52
N ALA A 198 6.99 4.66 24.71
CA ALA A 198 8.37 5.01 24.97
C ALA A 198 9.35 3.92 24.55
N TYR A 199 10.62 4.33 24.45
CA TYR A 199 11.73 3.51 24.08
C TYR A 199 12.95 3.94 24.93
N MET A 200 13.79 2.98 25.30
CA MET A 200 14.96 3.28 26.06
C MET A 200 16.07 2.25 25.78
N THR A 201 17.30 2.73 25.96
CA THR A 201 18.49 1.89 25.87
C THR A 201 19.59 2.63 26.61
N PRO A 202 20.53 1.89 27.22
CA PRO A 202 21.67 2.52 27.90
C PRO A 202 22.72 3.09 26.98
N ARG A 203 22.73 2.78 25.68
CA ARG A 203 23.85 3.19 24.82
C ARG A 203 23.41 3.34 23.38
N LEU A 204 23.67 4.49 22.78
CA LEU A 204 23.48 4.71 21.38
C LEU A 204 24.46 5.74 20.83
N GLN A 205 24.97 5.48 19.63
CA GLN A 205 25.76 6.43 18.92
C GLN A 205 24.92 7.52 18.27
N PRO A 206 25.52 8.73 18.06
CA PRO A 206 24.79 9.87 17.53
C PRO A 206 24.07 9.59 16.21
N TRP A 207 24.71 8.78 15.37
CA TRP A 207 24.15 8.39 14.07
C TRP A 207 22.93 7.43 14.18
N ASP A 208 22.70 6.84 15.34
CA ASP A 208 21.46 6.08 15.55
C ASP A 208 20.26 6.95 16.03
N PHE A 209 20.49 8.08 16.65
CA PHE A 209 19.38 8.90 17.07
C PHE A 209 19.19 10.20 16.37
N ALA A 210 20.20 10.68 15.66
CA ALA A 210 20.12 12.03 15.08
C ALA A 210 18.93 12.26 14.17
N GLY A 211 18.70 11.38 13.20
CA GLY A 211 17.54 11.52 12.29
C GLY A 211 16.25 11.35 13.01
N GLY A 212 16.15 10.25 13.79
CA GLY A 212 14.91 9.99 14.49
C GLY A 212 14.44 11.11 15.41
N LEU A 213 15.42 11.77 16.05
CA LEU A 213 15.16 12.81 17.04
C LEU A 213 14.42 14.02 16.46
N VAL A 214 14.74 14.38 15.23
CA VAL A 214 14.12 15.56 14.58
C VAL A 214 12.64 15.28 14.34
N ILE A 215 12.36 14.05 13.90
CA ILE A 215 10.99 13.57 13.66
C ILE A 215 10.17 13.54 14.97
N LEU A 216 10.77 12.94 15.99
CA LEU A 216 10.18 12.90 17.32
C LEU A 216 9.81 14.27 17.80
N TYR A 217 10.71 15.22 17.68
CA TYR A 217 10.48 16.54 18.24
C TYR A 217 9.33 17.29 17.47
N GLU A 218 9.22 17.10 16.15
CA GLU A 218 8.08 17.65 15.40
C GLU A 218 6.71 17.17 15.82
N VAL A 219 6.58 15.96 16.40
CA VAL A 219 5.27 15.56 16.98
C VAL A 219 5.17 15.81 18.49
N ASN A 220 6.02 16.68 19.01
CA ASN A 220 5.98 17.07 20.44
C ASN A 220 6.39 16.00 21.42
N GLY A 221 7.22 15.05 20.99
CA GLY A 221 7.77 14.07 21.93
C GLY A 221 8.92 14.66 22.72
N GLN A 222 9.39 13.95 23.77
CA GLN A 222 10.65 14.34 24.38
C GLN A 222 11.73 13.28 24.51
N ALA A 223 12.95 13.79 24.54
CA ALA A 223 14.12 12.99 24.53
C ALA A 223 15.09 13.53 25.54
N SER A 224 15.69 12.61 26.27
CA SER A 224 16.77 12.87 27.13
C SER A 224 17.62 11.59 27.20
N ASN A 225 18.69 11.63 27.99
CA ASN A 225 19.39 10.43 28.38
C ASN A 225 18.72 9.97 29.67
N LEU A 226 19.29 8.91 30.27
CA LEU A 226 18.69 8.31 31.46
C LEU A 226 18.79 9.16 32.72
N LEU A 227 19.67 10.19 32.69
CA LEU A 227 19.80 11.15 33.78
C LEU A 227 18.96 12.41 33.53
N GLY A 228 18.14 12.42 32.46
CA GLY A 228 17.37 13.59 32.05
C GLY A 228 18.15 14.70 31.34
N GLU A 229 19.37 14.42 30.88
CA GLU A 229 20.20 15.43 30.24
C GLU A 229 19.87 15.43 28.75
N PRO A 230 19.97 16.59 28.10
CA PRO A 230 19.61 16.63 26.68
C PRO A 230 20.54 15.81 25.77
N LEU A 231 20.02 15.29 24.66
CA LEU A 231 20.85 14.57 23.67
C LEU A 231 21.44 15.52 22.71
N THR A 232 22.67 15.26 22.33
CA THR A 232 23.37 16.10 21.39
C THR A 232 24.13 15.12 20.51
N ILE A 233 24.65 15.63 19.39
CA ILE A 233 25.40 14.81 18.44
C ILE A 233 26.90 14.80 18.71
N SER A 234 27.31 15.36 19.84
CA SER A 234 28.73 15.46 20.16
C SER A 234 29.26 14.16 20.75
N GLY A 235 28.39 13.32 21.29
CA GLY A 235 28.80 12.01 21.75
C GLY A 235 27.74 10.93 21.89
N PRO A 236 28.18 9.67 22.04
CA PRO A 236 27.21 8.63 22.37
C PRO A 236 26.50 8.94 23.70
N ASN A 237 25.34 8.35 23.93
CA ASN A 237 24.60 8.52 25.17
C ASN A 237 23.60 7.39 25.46
N SER A 238 23.11 7.34 26.70
CA SER A 238 21.90 6.60 26.98
C SER A 238 20.71 7.39 26.42
N ILE A 239 19.53 6.78 26.44
CA ILE A 239 18.39 7.27 25.64
C ILE A 239 17.10 6.90 26.36
N LEU A 240 16.26 7.90 26.59
CA LEU A 240 14.84 7.72 26.95
C LEU A 240 14.01 8.69 26.10
N VAL A 241 13.06 8.17 25.34
CA VAL A 241 12.18 8.95 24.48
C VAL A 241 10.76 8.49 24.67
N GLY A 242 9.84 9.41 24.50
CA GLY A 242 8.46 9.12 24.76
C GLY A 242 7.56 10.32 24.53
N ASN A 243 6.27 10.09 24.71
CA ASN A 243 5.34 11.20 24.86
C ASN A 243 5.69 11.93 26.17
N ARG A 244 5.44 13.23 26.19
CA ARG A 244 5.75 14.11 27.32
C ARG A 244 5.40 13.54 28.62
N GLY A 245 4.15 13.14 28.73
CA GLY A 245 3.62 12.68 30.00
C GLY A 245 4.42 11.50 30.56
N LEU A 246 4.68 10.51 29.75
CA LEU A 246 5.23 9.41 30.40
C LEU A 246 6.75 9.37 30.36
N HIS A 247 7.34 10.18 29.48
CA HIS A 247 8.71 10.53 29.68
C HIS A 247 8.93 11.10 31.09
N GLN A 248 8.13 12.08 31.50
CA GLN A 248 8.29 12.68 32.85
C GLN A 248 8.00 11.69 33.99
N GLU A 249 7.01 10.79 33.85
CA GLU A 249 6.78 9.70 34.84
C GLU A 249 7.93 8.67 34.92
N ILE A 250 8.45 8.22 33.78
CA ILE A 250 9.56 7.27 33.82
C ILE A 250 10.80 7.94 34.46
N SER A 251 11.14 9.15 34.00
CA SER A 251 12.31 9.85 34.53
C SER A 251 12.08 10.17 36.03
N ASN A 252 10.95 10.81 36.36
CA ASN A 252 10.69 11.38 37.73
C ASN A 252 10.45 10.34 38.82
N ASP A 253 9.68 9.33 38.50
CA ASP A 253 9.22 8.34 39.45
C ASP A 253 10.06 7.03 39.37
N TYR A 254 10.67 6.69 38.24
CA TYR A 254 11.37 5.36 38.14
C TYR A 254 12.88 5.37 38.00
N LEU A 255 13.45 6.36 37.34
CA LEU A 255 14.90 6.45 37.20
C LEU A 255 15.52 7.35 38.27
N GLU A 256 14.84 8.45 38.62
CA GLU A 256 15.24 9.40 39.67
C GLU A 256 15.64 8.73 40.98
N PRO A 257 14.80 7.82 41.51
CA PRO A 257 15.19 7.17 42.75
C PRO A 257 16.46 6.33 42.63
N HIS A 258 16.94 6.15 41.41
CA HIS A 258 18.17 5.42 41.19
C HIS A 258 19.23 6.32 40.53
N HIS A 259 19.15 7.65 40.74
CA HIS A 259 20.05 8.57 39.97
C HIS A 259 21.54 8.27 40.17
N ASP A 260 21.94 8.03 41.40
CA ASP A 260 23.40 7.86 41.72
C ASP A 260 24.00 6.59 41.05
N ALA A 261 23.25 5.51 41.08
CA ALA A 261 23.60 4.30 40.38
C ALA A 261 23.64 4.51 38.86
N LEU A 262 22.66 5.23 38.30
CA LEU A 262 22.71 5.57 36.87
C LEU A 262 23.91 6.49 36.57
N ILE A 263 24.21 7.45 37.46
CA ILE A 263 25.43 8.31 37.22
C ILE A 263 26.68 7.47 37.14
N GLN A 264 26.79 6.52 38.06
CA GLN A 264 27.99 5.70 38.11
C GLN A 264 28.11 4.85 36.83
N LEU A 265 27.03 4.19 36.42
CA LEU A 265 26.98 3.46 35.13
C LEU A 265 27.41 4.34 33.98
N HIS A 266 26.77 5.50 33.92
CA HIS A 266 27.07 6.47 32.88
C HIS A 266 28.55 6.84 32.83
N GLU A 267 29.17 7.18 33.98
CA GLU A 267 30.59 7.55 33.99
C GLU A 267 31.46 6.34 33.56
N GLN A 268 31.12 5.15 34.04
CA GLN A 268 31.88 3.94 33.66
C GLN A 268 31.84 3.63 32.14
N ARG A 269 30.70 3.94 31.51
CA ARG A 269 30.48 3.66 30.08
C ARG A 269 31.09 4.75 29.17
N PHE A 270 30.95 6.01 29.56
CA PHE A 270 31.25 7.16 28.68
C PHE A 270 32.45 8.06 29.04
N LYS A 271 32.83 8.15 30.30
CA LYS A 271 33.95 9.04 30.65
C LYS A 271 35.20 8.65 29.85
N ARG A 272 35.97 9.67 29.44
CA ARG A 272 37.36 9.51 28.94
C ARG A 272 37.33 8.87 27.57
N ALA B 2 -13.40 -27.79 -0.44
CA ALA B 2 -12.39 -28.60 0.35
C ALA B 2 -12.09 -27.83 1.64
N LEU B 3 -11.85 -28.56 2.74
CA LEU B 3 -11.70 -28.00 4.10
C LEU B 3 -10.58 -26.94 4.16
N TYR B 4 -9.42 -27.26 3.57
CA TYR B 4 -8.23 -26.39 3.50
C TYR B 4 -8.58 -25.03 2.85
N GLY B 5 -9.09 -25.08 1.62
CA GLY B 5 -9.49 -23.91 0.86
C GLY B 5 -10.56 -23.04 1.52
N PHE B 6 -11.53 -23.73 2.08
CA PHE B 6 -12.58 -23.11 2.84
C PHE B 6 -12.07 -22.25 4.03
N ALA B 7 -11.17 -22.81 4.85
CA ALA B 7 -10.58 -22.08 5.97
C ALA B 7 -9.77 -20.88 5.50
N GLN B 8 -9.08 -21.00 4.36
CA GLN B 8 -8.30 -19.90 3.77
C GLN B 8 -9.20 -18.74 3.37
N GLY B 9 -10.37 -19.06 2.82
CA GLY B 9 -11.25 -18.01 2.39
C GLY B 9 -11.90 -17.37 3.60
N LEU B 10 -12.34 -18.24 4.52
CA LEU B 10 -12.92 -17.85 5.79
C LEU B 10 -12.04 -16.90 6.64
N ILE B 11 -10.78 -17.21 6.85
CA ILE B 11 -9.92 -16.36 7.71
C ILE B 11 -9.71 -14.97 7.11
N GLN B 12 -9.61 -14.94 5.78
CA GLN B 12 -9.51 -13.67 5.05
C GLN B 12 -10.76 -12.81 5.13
N GLU B 13 -11.92 -13.44 5.07
CA GLU B 13 -13.17 -12.68 5.21
C GLU B 13 -13.31 -12.13 6.65
N ALA B 14 -12.92 -12.94 7.64
CA ALA B 14 -12.89 -12.48 9.00
C ALA B 14 -12.06 -11.18 9.12
N GLY B 15 -10.93 -11.17 8.44
CA GLY B 15 -10.04 -10.00 8.43
C GLY B 15 -10.65 -8.77 7.80
N ILE B 16 -11.33 -8.99 6.69
CA ILE B 16 -12.00 -7.89 6.01
C ILE B 16 -13.00 -7.25 6.97
N ARG B 17 -13.74 -8.07 7.72
CA ARG B 17 -14.72 -7.59 8.75
C ARG B 17 -14.09 -6.84 9.92
N ILE B 18 -12.99 -7.34 10.47
CA ILE B 18 -12.22 -6.53 11.44
C ILE B 18 -11.84 -5.17 10.82
N LYS B 19 -11.27 -5.17 9.61
CA LYS B 19 -10.88 -3.92 8.95
C LYS B 19 -12.10 -2.98 8.80
N GLN B 20 -13.27 -3.58 8.57
CA GLN B 20 -14.53 -2.82 8.52
C GLN B 20 -14.90 -2.21 9.87
N LEU B 21 -14.83 -2.97 10.94
CA LEU B 21 -15.16 -2.42 12.26
C LEU B 21 -14.18 -1.35 12.75
N MET B 22 -12.92 -1.44 12.35
CA MET B 22 -11.96 -0.39 12.67
C MET B 22 -12.33 0.83 11.84
N GLU B 23 -12.61 0.63 10.56
CA GLU B 23 -12.94 1.73 9.63
C GLU B 23 -14.19 2.52 10.09
N GLN B 24 -15.26 1.80 10.38
CA GLN B 24 -16.50 2.39 10.92
C GLN B 24 -16.27 3.19 12.20
N ASN B 25 -15.33 2.77 13.03
CA ASN B 25 -15.10 3.44 14.32
C ASN B 25 -14.28 4.75 14.22
N LEU B 26 -14.77 5.77 13.49
CA LEU B 26 -14.03 7.05 13.26
C LEU B 26 -14.96 8.20 12.87
N ASN B 35 -10.54 1.04 23.28
CA ASN B 35 -10.39 -0.18 24.04
C ASN B 35 -11.67 -1.00 24.24
N ASP B 36 -12.84 -0.38 24.05
CA ASP B 36 -14.05 -1.16 23.86
C ASP B 36 -14.15 -1.72 22.42
N LEU B 37 -13.42 -1.08 21.51
CA LEU B 37 -13.34 -1.51 20.13
C LEU B 37 -12.79 -2.94 20.08
N VAL B 38 -11.62 -3.16 20.69
CA VAL B 38 -10.99 -4.48 20.66
C VAL B 38 -11.91 -5.55 21.24
N THR B 39 -12.62 -5.25 22.31
CA THR B 39 -13.50 -6.22 22.94
C THR B 39 -14.65 -6.61 22.00
N ASN B 40 -15.33 -5.62 21.41
CA ASN B 40 -16.52 -5.90 20.53
C ASN B 40 -16.10 -6.61 19.22
N VAL B 41 -14.94 -6.16 18.71
CA VAL B 41 -14.36 -6.65 17.48
C VAL B 41 -13.98 -8.12 17.64
N ASP B 42 -13.33 -8.43 18.75
CA ASP B 42 -12.97 -9.82 19.12
C ASP B 42 -14.16 -10.78 19.16
N LYS B 43 -15.26 -10.32 19.80
CA LYS B 43 -16.57 -11.02 19.85
C LYS B 43 -17.21 -11.21 18.49
N ALA B 44 -17.31 -10.13 17.71
CA ALA B 44 -17.99 -10.22 16.41
C ALA B 44 -17.20 -11.10 15.43
N THR B 45 -15.88 -11.03 15.51
CA THR B 45 -15.03 -11.92 14.68
C THR B 45 -15.17 -13.38 15.06
N GLU B 46 -15.05 -13.69 16.35
CA GLU B 46 -15.28 -15.06 16.76
C GLU B 46 -16.66 -15.59 16.41
N ASP B 47 -17.72 -14.79 16.61
CA ASP B 47 -19.12 -15.23 16.25
C ASP B 47 -19.29 -15.43 14.78
N PHE B 48 -18.70 -14.53 13.97
CA PHE B 48 -18.68 -14.74 12.52
C PHE B 48 -17.97 -16.05 12.13
N ILE B 49 -16.84 -16.32 12.76
CA ILE B 49 -16.04 -17.50 12.38
C ILE B 49 -16.81 -18.76 12.76
N PHE B 50 -17.29 -18.79 14.01
CA PHE B 50 -18.09 -19.89 14.54
C PHE B 50 -19.38 -20.22 13.73
N ASP B 51 -20.20 -19.20 13.47
CA ASP B 51 -21.39 -19.36 12.60
C ASP B 51 -21.05 -19.83 11.18
N THR B 52 -19.95 -19.36 10.60
CA THR B 52 -19.58 -19.82 9.27
C THR B 52 -19.04 -21.29 9.26
N ILE B 53 -18.24 -21.68 10.26
CA ILE B 53 -17.80 -23.10 10.36
C ILE B 53 -19.01 -24.06 10.45
N LEU B 54 -19.84 -23.89 11.48
CA LEU B 54 -20.99 -24.80 11.78
C LEU B 54 -22.00 -24.91 10.64
N GLU B 55 -22.23 -23.82 9.93
CA GLU B 55 -23.14 -23.82 8.78
C GLU B 55 -22.67 -24.62 7.58
N THR B 56 -21.36 -24.78 7.40
CA THR B 56 -20.84 -25.72 6.38
C THR B 56 -20.48 -27.06 7.01
N TYR B 57 -20.03 -27.07 8.26
CA TYR B 57 -19.60 -28.29 8.97
C TYR B 57 -20.24 -28.40 10.35
N PRO B 58 -21.52 -28.86 10.39
CA PRO B 58 -22.31 -29.05 11.64
C PRO B 58 -21.67 -29.89 12.76
N ASN B 59 -20.88 -30.88 12.35
CA ASN B 59 -20.28 -31.90 13.24
C ASN B 59 -18.88 -31.53 13.79
N HIS B 60 -18.32 -30.40 13.33
CA HIS B 60 -17.04 -29.89 13.81
C HIS B 60 -17.27 -29.09 15.08
N GLN B 61 -16.22 -28.96 15.88
CA GLN B 61 -16.24 -28.10 17.04
C GLN B 61 -15.24 -26.96 16.93
N VAL B 62 -15.32 -26.04 17.88
CA VAL B 62 -14.58 -24.78 17.84
C VAL B 62 -14.16 -24.43 19.27
N LEU B 63 -12.84 -24.43 19.52
CA LEU B 63 -12.20 -24.00 20.75
C LEU B 63 -11.72 -22.59 20.48
N GLY B 64 -12.36 -21.62 21.14
CA GLY B 64 -12.22 -20.23 20.81
C GLY B 64 -11.73 -19.39 21.97
N GLU B 65 -10.92 -18.37 21.64
CA GLU B 65 -10.44 -17.42 22.64
C GLU B 65 -11.63 -16.65 23.30
N GLU B 66 -12.64 -16.32 22.51
CA GLU B 66 -13.78 -15.56 22.99
C GLU B 66 -14.77 -16.39 23.84
N GLY B 67 -14.56 -17.71 23.90
CA GLY B 67 -15.21 -18.60 24.87
C GLY B 67 -16.03 -19.75 24.31
N HIS B 68 -16.09 -19.87 22.99
CA HIS B 68 -16.74 -21.03 22.35
C HIS B 68 -15.96 -22.34 22.66
N GLY B 69 -16.72 -23.39 22.97
CA GLY B 69 -16.17 -24.71 23.33
C GLY B 69 -15.31 -24.85 24.59
N HIS B 70 -15.53 -24.03 25.62
CA HIS B 70 -14.80 -24.21 26.90
C HIS B 70 -15.02 -25.67 27.43
N ASP B 71 -13.93 -26.42 27.61
CA ASP B 71 -13.97 -27.85 28.05
C ASP B 71 -14.80 -28.79 27.14
N ILE B 72 -14.30 -29.05 25.92
CA ILE B 72 -15.00 -29.92 24.93
C ILE B 72 -14.39 -31.30 24.65
N ASP B 73 -13.17 -31.51 25.08
CA ASP B 73 -12.41 -32.69 24.71
C ASP B 73 -11.96 -32.57 23.26
N THR B 74 -10.75 -32.06 23.14
CA THR B 74 -10.16 -31.63 21.88
C THR B 74 -9.54 -32.81 21.11
N SER B 75 -9.63 -34.03 21.66
CA SER B 75 -9.27 -35.28 20.99
C SER B 75 -10.35 -35.86 20.08
N LYS B 76 -11.60 -35.43 20.22
CA LYS B 76 -12.66 -36.10 19.46
C LYS B 76 -13.02 -35.30 18.23
N GLY B 77 -12.96 -35.95 17.08
CA GLY B 77 -13.38 -35.32 15.84
C GLY B 77 -12.45 -34.20 15.36
N THR B 78 -13.03 -33.32 14.55
CA THR B 78 -12.35 -32.20 13.90
C THR B 78 -12.59 -30.99 14.75
N VAL B 79 -11.51 -30.27 15.12
CA VAL B 79 -11.53 -29.16 16.06
C VAL B 79 -10.78 -27.90 15.55
N TRP B 80 -11.55 -26.81 15.42
CA TRP B 80 -11.05 -25.51 14.98
C TRP B 80 -10.63 -24.72 16.22
N VAL B 81 -9.35 -24.38 16.30
CA VAL B 81 -8.87 -23.70 17.48
C VAL B 81 -8.46 -22.31 17.02
N VAL B 82 -9.18 -21.31 17.55
CA VAL B 82 -9.14 -19.98 16.95
C VAL B 82 -8.94 -18.87 17.94
N ASP B 83 -8.03 -17.96 17.60
CA ASP B 83 -7.95 -16.68 18.27
C ASP B 83 -8.28 -15.61 17.24
N PRO B 84 -9.36 -14.85 17.44
CA PRO B 84 -9.67 -13.83 16.44
C PRO B 84 -8.67 -12.65 16.41
N ILE B 85 -8.21 -12.20 17.56
CA ILE B 85 -7.19 -11.16 17.62
C ILE B 85 -6.05 -11.64 18.53
N ASP B 86 -5.03 -12.24 17.91
CA ASP B 86 -3.80 -12.51 18.59
C ASP B 86 -2.90 -11.28 18.52
N GLY B 87 -2.81 -10.61 19.67
CA GLY B 87 -2.02 -9.41 19.86
C GLY B 87 -2.98 -8.26 20.12
N THR B 88 -3.76 -8.36 21.19
CA THR B 88 -4.84 -7.41 21.41
C THR B 88 -4.27 -6.08 21.78
N LEU B 89 -3.15 -6.09 22.52
CA LEU B 89 -2.45 -4.83 22.84
C LEU B 89 -1.91 -4.13 21.62
N ASN B 90 -1.35 -4.90 20.69
CA ASN B 90 -0.92 -4.29 19.41
C ASN B 90 -2.08 -3.63 18.65
N PHE B 91 -3.27 -4.23 18.73
CA PHE B 91 -4.47 -3.73 18.04
C PHE B 91 -4.85 -2.36 18.64
N VAL B 92 -4.96 -2.30 19.94
CA VAL B 92 -5.29 -1.10 20.64
C VAL B 92 -4.27 0.00 20.33
N HIS B 93 -2.95 -0.29 20.46
CA HIS B 93 -1.90 0.77 20.49
C HIS B 93 -1.28 1.06 19.14
N GLN B 94 -1.28 0.07 18.26
CA GLN B 94 -0.60 0.19 17.01
C GLN B 94 -1.54 0.08 15.80
N GLN B 95 -2.77 -0.43 15.98
CA GLN B 95 -3.72 -0.66 14.85
C GLN B 95 -3.15 -1.61 13.81
N GLU B 96 -2.24 -2.50 14.21
CA GLU B 96 -1.48 -3.39 13.34
C GLU B 96 -0.65 -4.37 14.20
N ASN B 97 0.09 -5.28 13.56
CA ASN B 97 0.90 -6.33 14.26
C ASN B 97 0.05 -7.31 15.09
N PHE B 98 -1.18 -7.58 14.62
CA PHE B 98 -2.08 -8.57 15.24
C PHE B 98 -2.56 -9.55 14.20
N ALA B 99 -3.00 -10.73 14.62
CA ALA B 99 -3.34 -11.76 13.69
C ALA B 99 -4.57 -12.51 14.11
N ILE B 100 -5.29 -13.04 13.13
CA ILE B 100 -6.29 -14.08 13.39
C ILE B 100 -5.49 -15.39 13.33
N SER B 101 -5.70 -16.26 14.32
CA SER B 101 -5.08 -17.58 14.28
C SER B 101 -6.15 -18.68 14.28
N ILE B 102 -5.95 -19.65 13.36
CA ILE B 102 -6.82 -20.81 13.23
C ILE B 102 -6.03 -22.09 13.04
N GLY B 103 -6.16 -23.01 13.98
CA GLY B 103 -5.63 -24.36 13.84
C GLY B 103 -6.72 -25.40 13.66
N ILE B 104 -6.59 -26.27 12.67
CA ILE B 104 -7.54 -27.37 12.55
C ILE B 104 -6.85 -28.68 12.94
N TYR B 105 -7.43 -29.36 13.93
CA TYR B 105 -6.93 -30.63 14.47
C TYR B 105 -8.01 -31.68 14.23
N ILE B 106 -7.59 -32.88 13.81
CA ILE B 106 -8.46 -34.04 13.61
C ILE B 106 -7.96 -35.14 14.51
N ASP B 107 -8.84 -35.66 15.37
CA ASP B 107 -8.52 -36.66 16.39
C ASP B 107 -7.35 -36.22 17.28
N GLY B 108 -7.39 -35.01 17.79
CA GLY B 108 -6.30 -34.54 18.60
C GLY B 108 -4.97 -34.35 17.88
N LYS B 109 -4.94 -34.32 16.54
CA LYS B 109 -3.69 -34.18 15.76
C LYS B 109 -3.75 -33.05 14.69
N PRO B 110 -2.67 -32.24 14.56
CA PRO B 110 -2.67 -31.19 13.52
C PRO B 110 -3.11 -31.65 12.15
N TYR B 111 -4.04 -30.93 11.55
CA TYR B 111 -4.33 -31.06 10.11
C TYR B 111 -3.89 -29.85 9.30
N ALA B 112 -4.22 -28.63 9.75
CA ALA B 112 -3.84 -27.39 9.01
C ALA B 112 -3.75 -26.21 9.93
N GLY B 113 -3.02 -25.19 9.48
CA GLY B 113 -2.85 -23.95 10.29
C GLY B 113 -2.86 -22.74 9.40
N PHE B 114 -3.33 -21.63 9.97
CA PHE B 114 -3.50 -20.37 9.27
C PHE B 114 -3.25 -19.20 10.21
N VAL B 115 -2.35 -18.31 9.85
CA VAL B 115 -2.26 -17.06 10.60
C VAL B 115 -2.23 -15.88 9.65
N TYR B 116 -3.22 -14.99 9.86
CA TYR B 116 -3.47 -13.93 8.96
C TYR B 116 -3.08 -12.63 9.63
N ASP B 117 -2.01 -12.04 9.13
CA ASP B 117 -1.63 -10.71 9.50
C ASP B 117 -2.58 -9.77 8.78
N VAL B 118 -3.49 -9.26 9.58
CA VAL B 118 -4.70 -8.62 9.09
C VAL B 118 -4.33 -7.30 8.39
N MET B 119 -3.57 -6.43 9.06
CA MET B 119 -3.21 -5.18 8.44
C MET B 119 -2.15 -5.28 7.37
N ALA B 120 -1.27 -6.29 7.37
CA ALA B 120 -0.33 -6.42 6.23
C ALA B 120 -0.95 -7.19 5.05
N ASP B 121 -2.11 -7.80 5.30
CA ASP B 121 -2.80 -8.67 4.37
C ASP B 121 -1.90 -9.77 3.90
N VAL B 122 -1.30 -10.48 4.84
CA VAL B 122 -0.45 -11.65 4.52
C VAL B 122 -0.98 -12.85 5.29
N LEU B 123 -1.37 -13.86 4.52
CA LEU B 123 -1.80 -15.15 5.09
C LEU B 123 -0.68 -16.21 5.05
N TYR B 124 -0.27 -16.66 6.23
CA TYR B 124 0.69 -17.78 6.31
C TYR B 124 -0.17 -19.02 6.50
N HIS B 125 0.06 -20.06 5.72
CA HIS B 125 -0.75 -21.28 5.84
C HIS B 125 0.03 -22.55 5.57
N ALA B 126 -0.44 -23.63 6.20
CA ALA B 126 0.14 -24.94 5.95
C ALA B 126 -0.87 -26.06 6.18
N LYS B 127 -0.77 -27.11 5.37
CA LYS B 127 -1.49 -28.35 5.55
C LYS B 127 -0.41 -29.38 5.82
N VAL B 128 -0.58 -30.22 6.83
CA VAL B 128 0.37 -31.29 7.13
C VAL B 128 0.77 -32.10 5.90
N GLY B 129 2.04 -32.40 5.78
CA GLY B 129 2.57 -33.06 4.60
C GLY B 129 2.68 -32.24 3.31
N GLU B 130 2.10 -31.04 3.20
CA GLU B 130 2.08 -30.34 1.91
C GLU B 130 2.83 -29.01 1.81
N GLY B 131 3.66 -28.69 2.81
CA GLY B 131 4.43 -27.42 2.83
C GLY B 131 3.73 -26.25 3.53
N ALA B 132 4.51 -25.23 3.85
CA ALA B 132 4.03 -23.99 4.42
C ALA B 132 4.21 -22.86 3.40
N TYR B 133 3.27 -21.91 3.40
CA TYR B 133 3.28 -20.78 2.50
C TYR B 133 3.14 -19.40 3.18
N ARG B 134 3.71 -18.41 2.52
CA ARG B 134 3.45 -17.00 2.74
C ARG B 134 2.58 -16.56 1.56
N GLY B 135 1.27 -16.49 1.72
CA GLY B 135 0.36 -16.28 0.57
C GLY B 135 0.58 -17.43 -0.38
N SER B 136 1.04 -17.13 -1.59
CA SER B 136 1.31 -18.17 -2.56
C SER B 136 2.79 -18.57 -2.67
N GLN B 137 3.70 -18.02 -1.85
CA GLN B 137 5.12 -18.31 -1.99
C GLN B 137 5.44 -19.43 -1.00
N PRO B 138 6.13 -20.50 -1.42
CA PRO B 138 6.53 -21.50 -0.44
C PRO B 138 7.61 -20.96 0.47
N LEU B 139 7.63 -21.46 1.70
CA LEU B 139 8.65 -21.14 2.69
C LEU B 139 9.73 -22.22 2.69
N LYS B 140 11.00 -21.80 2.74
CA LYS B 140 12.14 -22.72 2.72
C LYS B 140 12.27 -23.46 4.06
N PRO B 141 12.72 -24.73 4.02
CA PRO B 141 12.97 -25.49 5.25
C PRO B 141 14.05 -24.84 6.09
N LEU B 142 13.95 -24.98 7.41
CA LEU B 142 14.88 -24.25 8.28
C LEU B 142 16.24 -24.93 8.36
N ASN B 143 17.30 -24.14 8.49
CA ASN B 143 18.61 -24.67 8.84
C ASN B 143 18.93 -24.52 10.33
N ASP B 144 19.85 -25.35 10.78
CA ASP B 144 20.31 -25.30 12.13
C ASP B 144 21.03 -23.95 12.39
N SER B 145 20.91 -23.42 13.58
CA SER B 145 21.75 -22.29 13.95
C SER B 145 22.35 -22.58 15.28
N ASN B 146 23.54 -22.08 15.50
CA ASN B 146 24.07 -21.97 16.89
C ASN B 146 23.36 -20.85 17.68
N LEU B 147 23.12 -21.08 18.98
CA LEU B 147 22.49 -20.14 19.87
C LEU B 147 23.17 -18.79 19.88
N ARG B 148 24.51 -18.80 19.93
CA ARG B 148 25.30 -17.57 19.88
C ARG B 148 25.19 -16.79 18.60
N GLN B 149 24.73 -17.45 17.52
CA GLN B 149 24.44 -16.73 16.25
C GLN B 149 22.94 -16.58 15.90
N SER B 150 22.09 -16.77 16.90
CA SER B 150 20.66 -16.79 16.79
C SER B 150 20.01 -15.57 17.47
N ILE B 151 18.93 -15.09 16.84
CA ILE B 151 18.08 -14.08 17.42
C ILE B 151 16.89 -14.80 17.99
N ILE B 152 16.51 -14.46 19.22
CA ILE B 152 15.41 -15.13 19.91
C ILE B 152 14.30 -14.13 20.19
N GLY B 153 13.06 -14.62 20.28
CA GLY B 153 11.91 -13.84 20.63
C GLY B 153 11.49 -14.20 22.03
N ILE B 154 11.45 -13.20 22.90
CA ILE B 154 11.01 -13.38 24.26
C ILE B 154 10.64 -12.00 24.82
N ASN B 155 9.52 -11.88 25.48
CA ASN B 155 9.09 -10.58 26.01
C ASN B 155 9.94 -10.22 27.24
N PRO B 156 10.43 -8.97 27.35
CA PRO B 156 11.13 -8.53 28.54
C PRO B 156 10.44 -8.82 29.86
N ASN B 157 9.14 -8.69 29.94
CA ASN B 157 8.43 -9.14 31.16
C ASN B 157 8.82 -10.45 31.78
N TRP B 158 9.08 -11.47 30.98
CA TRP B 158 9.38 -12.76 31.60
C TRP B 158 10.71 -12.75 32.36
N LEU B 159 11.60 -11.83 31.99
CA LEU B 159 12.83 -11.59 32.74
C LEU B 159 12.67 -10.86 34.12
N THR B 160 11.47 -10.40 34.45
CA THR B 160 11.25 -9.72 35.74
C THR B 160 10.83 -10.70 36.84
N LYS B 161 10.34 -11.87 36.47
CA LYS B 161 9.65 -12.76 37.38
C LYS B 161 10.72 -13.49 38.22
N PRO B 162 10.37 -13.94 39.45
CA PRO B 162 11.43 -14.37 40.38
C PRO B 162 12.18 -15.61 39.89
N ILE B 163 11.44 -16.66 39.54
CA ILE B 163 12.04 -17.94 39.22
C ILE B 163 12.28 -18.06 37.72
N LEU B 164 11.34 -17.54 36.92
CA LEU B 164 11.46 -17.43 35.45
C LEU B 164 12.64 -16.57 35.00
N GLY B 165 12.80 -15.40 35.61
CA GLY B 165 13.82 -14.46 35.22
C GLY B 165 15.19 -15.11 35.23
N GLU B 166 15.45 -15.93 36.24
CA GLU B 166 16.70 -16.66 36.30
C GLU B 166 16.70 -17.81 35.24
N ILE B 167 15.59 -18.53 35.11
CA ILE B 167 15.50 -19.62 34.12
C ILE B 167 15.79 -19.17 32.69
N PHE B 168 15.46 -17.93 32.30
CA PHE B 168 15.70 -17.40 30.93
C PHE B 168 17.00 -16.59 30.75
N LYS B 169 17.50 -16.03 31.86
CA LYS B 169 18.69 -15.14 31.89
C LYS B 169 19.82 -15.61 31.03
N GLU B 170 20.21 -16.84 31.25
CA GLU B 170 21.40 -17.36 30.64
C GLU B 170 21.17 -17.55 29.10
N ILE B 171 19.95 -17.90 28.68
CA ILE B 171 19.69 -18.04 27.25
C ILE B 171 19.67 -16.64 26.55
N VAL B 172 19.11 -15.60 27.19
CA VAL B 172 19.23 -14.25 26.61
C VAL B 172 20.71 -13.86 26.48
N ASN B 173 21.53 -14.13 27.50
CA ASN B 173 22.94 -13.74 27.50
C ASN B 173 23.78 -14.37 26.39
N ASP B 174 23.57 -15.65 26.12
CA ASP B 174 24.36 -16.34 25.09
C ASP B 174 23.85 -16.04 23.68
N SER B 175 22.52 -15.85 23.57
CA SER B 175 21.93 -15.56 22.26
C SER B 175 22.51 -14.24 21.67
N ARG B 176 22.56 -14.10 20.36
CA ARG B 176 23.17 -12.93 19.76
C ARG B 176 22.41 -11.64 20.00
N SER B 177 21.07 -11.79 20.02
CA SER B 177 20.19 -10.74 20.48
C SER B 177 18.76 -11.27 20.73
N ALA B 178 17.89 -10.36 21.20
CA ALA B 178 16.49 -10.68 21.49
C ALA B 178 15.57 -9.65 20.91
N ARG B 179 14.32 -10.07 20.66
CA ARG B 179 13.26 -9.28 20.05
C ARG B 179 11.94 -9.69 20.71
N ALA B 180 10.92 -8.80 20.63
CA ALA B 180 9.56 -9.08 21.13
C ALA B 180 8.55 -8.26 20.33
N TYR B 181 7.60 -8.96 19.67
CA TYR B 181 6.59 -8.35 18.78
C TYR B 181 5.19 -8.35 19.35
N GLY B 182 4.93 -9.12 20.39
CA GLY B 182 3.65 -9.04 21.09
C GLY B 182 2.49 -9.78 20.45
N SER B 183 2.75 -10.70 19.51
CA SER B 183 1.73 -11.63 18.96
C SER B 183 2.36 -12.97 18.78
N ALA B 184 1.99 -13.92 19.66
CA ALA B 184 2.64 -15.22 19.65
C ALA B 184 2.48 -15.97 18.32
N ALA B 185 1.30 -15.83 17.71
CA ALA B 185 1.04 -16.50 16.46
C ALA B 185 2.04 -16.00 15.37
N LEU B 186 2.26 -14.70 15.32
CA LEU B 186 3.24 -14.11 14.36
C LEU B 186 4.68 -14.32 14.76
N GLU B 187 4.94 -14.56 16.04
CA GLU B 187 6.31 -14.87 16.52
C GLU B 187 6.76 -16.30 16.14
N ILE B 188 5.83 -17.21 16.26
CA ILE B 188 6.00 -18.59 15.79
C ILE B 188 6.16 -18.61 14.28
N VAL B 189 5.26 -17.93 13.57
CA VAL B 189 5.45 -17.72 12.11
C VAL B 189 6.84 -17.09 11.74
N SER B 190 7.28 -16.15 12.56
CA SER B 190 8.62 -15.58 12.46
C SER B 190 9.70 -16.62 12.59
N VAL B 191 9.52 -17.61 13.44
CA VAL B 191 10.47 -18.73 13.45
C VAL B 191 10.33 -19.57 12.14
N ALA B 192 9.11 -19.79 11.67
CA ALA B 192 8.94 -20.55 10.42
C ALA B 192 9.47 -19.88 9.15
N THR B 193 9.66 -18.57 9.14
CA THR B 193 10.10 -17.82 7.95
C THR B 193 11.58 -17.45 8.01
N GLY B 194 12.23 -17.70 9.13
CA GLY B 194 13.62 -17.26 9.30
C GLY B 194 13.88 -15.90 9.90
N ASN B 195 12.84 -15.11 10.16
CA ASN B 195 13.02 -13.80 10.81
C ASN B 195 13.45 -13.90 12.29
N LEU B 196 13.11 -15.02 12.95
CA LEU B 196 13.64 -15.38 14.25
C LEU B 196 14.16 -16.82 14.25
N GLU B 197 15.24 -17.10 14.98
CA GLU B 197 15.73 -18.49 15.09
C GLU B 197 15.09 -19.30 16.20
N ALA B 198 14.54 -18.61 17.20
CA ALA B 198 13.79 -19.27 18.29
C ALA B 198 12.80 -18.28 18.93
N TYR B 199 11.81 -18.80 19.63
CA TYR B 199 10.82 -17.99 20.37
C TYR B 199 10.41 -18.81 21.60
N MET B 200 10.19 -18.13 22.71
CA MET B 200 9.76 -18.80 23.89
C MET B 200 8.90 -17.92 24.78
N THR B 201 7.98 -18.58 25.49
CA THR B 201 7.23 -17.98 26.56
C THR B 201 6.75 -19.05 27.55
N PRO B 202 6.58 -18.67 28.82
CA PRO B 202 6.16 -19.61 29.84
C PRO B 202 4.66 -19.93 29.86
N ARG B 203 3.83 -19.11 29.23
CA ARG B 203 2.36 -19.38 29.20
C ARG B 203 1.76 -18.96 27.89
N LEU B 204 0.98 -19.84 27.27
CA LEU B 204 0.29 -19.54 26.03
C LEU B 204 -0.92 -20.46 25.94
N GLN B 205 -2.06 -19.94 25.52
CA GLN B 205 -3.23 -20.77 25.25
C GLN B 205 -3.09 -21.55 23.91
N PRO B 206 -3.79 -22.71 23.76
CA PRO B 206 -3.83 -23.41 22.46
C PRO B 206 -4.21 -22.56 21.25
N TRP B 207 -5.18 -21.66 21.40
CA TRP B 207 -5.58 -20.84 20.27
C TRP B 207 -4.49 -19.88 19.78
N ASP B 208 -3.44 -19.67 20.57
CA ASP B 208 -2.36 -18.82 20.12
C ASP B 208 -1.19 -19.52 19.48
N PHE B 209 -1.08 -20.85 19.65
CA PHE B 209 -0.04 -21.65 18.95
C PHE B 209 -0.52 -22.63 17.92
N ALA B 210 -1.79 -23.01 17.97
CA ALA B 210 -2.28 -24.11 17.15
C ALA B 210 -2.07 -23.93 15.62
N GLY B 211 -2.52 -22.81 15.09
CA GLY B 211 -2.28 -22.47 13.67
C GLY B 211 -0.80 -22.35 13.39
N GLY B 212 -0.08 -21.60 14.24
CA GLY B 212 1.32 -21.38 14.02
C GLY B 212 2.19 -22.66 13.95
N LEU B 213 1.90 -23.64 14.81
CA LEU B 213 2.67 -24.89 14.89
C LEU B 213 2.69 -25.75 13.62
N VAL B 214 1.56 -25.79 12.89
CA VAL B 214 1.49 -26.49 11.63
C VAL B 214 2.45 -25.82 10.64
N ILE B 215 2.47 -24.48 10.62
CA ILE B 215 3.35 -23.77 9.65
C ILE B 215 4.85 -24.13 9.93
N LEU B 216 5.21 -24.05 11.20
CA LEU B 216 6.52 -24.36 11.71
C LEU B 216 6.96 -25.81 11.40
N TYR B 217 6.09 -26.80 11.69
CA TYR B 217 6.41 -28.22 11.51
C TYR B 217 6.68 -28.52 10.02
N GLU B 218 5.97 -27.83 9.14
CA GLU B 218 6.14 -27.97 7.71
C GLU B 218 7.41 -27.36 7.14
N VAL B 219 8.13 -26.53 7.90
CA VAL B 219 9.49 -26.13 7.49
C VAL B 219 10.54 -26.85 8.35
N ASN B 220 10.16 -27.93 9.03
CA ASN B 220 11.04 -28.69 9.88
C ASN B 220 11.52 -28.03 11.18
N GLY B 221 10.81 -27.02 11.68
CA GLY B 221 11.15 -26.50 13.00
C GLY B 221 10.61 -27.40 14.05
N GLN B 222 11.03 -27.23 15.30
CA GLN B 222 10.33 -27.96 16.31
C GLN B 222 9.85 -27.19 17.47
N ALA B 223 8.89 -27.81 18.13
CA ALA B 223 8.16 -27.18 19.16
C ALA B 223 8.02 -28.14 20.30
N SER B 224 8.18 -27.63 21.51
CA SER B 224 7.90 -28.35 22.75
C SER B 224 7.54 -27.34 23.82
N ASN B 225 7.30 -27.80 25.03
CA ASN B 225 7.17 -26.89 26.16
C ASN B 225 8.58 -26.73 26.76
N LEU B 226 8.67 -25.98 27.85
CA LEU B 226 9.99 -25.68 28.41
C LEU B 226 10.68 -26.94 28.99
N LEU B 227 9.90 -27.96 29.31
CA LEU B 227 10.39 -29.26 29.74
C LEU B 227 10.61 -30.25 28.57
N GLY B 228 10.56 -29.78 27.32
CA GLY B 228 10.78 -30.67 26.18
C GLY B 228 9.63 -31.60 25.86
N GLU B 229 8.46 -31.41 26.49
CA GLU B 229 7.28 -32.23 26.23
C GLU B 229 6.51 -31.71 25.02
N PRO B 230 5.79 -32.59 24.31
CA PRO B 230 5.04 -32.12 23.13
C PRO B 230 3.89 -31.20 23.56
N LEU B 231 3.52 -30.28 22.70
CA LEU B 231 2.41 -29.37 23.00
C LEU B 231 1.16 -30.07 22.51
N THR B 232 0.04 -29.84 23.18
CA THR B 232 -1.25 -30.28 22.67
C THR B 232 -2.25 -29.16 22.85
N ILE B 233 -3.41 -29.33 22.25
CA ILE B 233 -4.50 -28.34 22.36
C ILE B 233 -5.41 -28.54 23.56
N SER B 234 -5.05 -29.47 24.47
CA SER B 234 -5.91 -29.80 25.62
C SER B 234 -5.87 -28.75 26.71
N GLY B 235 -4.84 -27.91 26.70
CA GLY B 235 -4.78 -26.79 27.64
C GLY B 235 -3.58 -25.88 27.39
N PRO B 236 -3.41 -24.87 28.28
CA PRO B 236 -2.27 -23.95 28.25
C PRO B 236 -0.97 -24.69 28.47
N ASN B 237 0.11 -24.15 27.92
CA ASN B 237 1.47 -24.66 28.17
C ASN B 237 2.52 -23.57 27.99
N SER B 238 3.74 -23.87 28.44
CA SER B 238 4.90 -23.09 28.13
C SER B 238 5.32 -23.51 26.72
N ILE B 239 6.16 -22.69 26.07
CA ILE B 239 6.55 -22.90 24.71
C ILE B 239 8.01 -22.62 24.45
N LEU B 240 8.62 -23.49 23.64
CA LEU B 240 9.92 -23.25 23.01
C LEU B 240 9.88 -23.74 21.57
N VAL B 241 10.04 -22.85 20.60
CA VAL B 241 10.10 -23.24 19.21
C VAL B 241 11.39 -22.71 18.63
N GLY B 242 11.97 -23.46 17.71
CA GLY B 242 13.20 -23.06 17.02
C GLY B 242 13.53 -24.03 15.90
N ASN B 243 14.53 -23.74 15.08
CA ASN B 243 15.11 -24.79 14.24
C ASN B 243 15.63 -25.92 15.14
N ARG B 244 15.90 -27.08 14.56
CA ARG B 244 16.22 -28.27 15.40
C ARG B 244 17.46 -28.12 16.28
N GLY B 245 18.58 -27.73 15.70
CA GLY B 245 19.82 -27.59 16.46
C GLY B 245 19.72 -26.67 17.67
N LEU B 246 19.13 -25.50 17.51
CA LEU B 246 19.08 -24.64 18.68
C LEU B 246 17.91 -24.90 19.61
N HIS B 247 16.84 -25.56 19.11
CA HIS B 247 15.89 -26.14 20.04
C HIS B 247 16.67 -27.02 21.01
N GLN B 248 17.48 -27.94 20.45
CA GLN B 248 18.23 -28.94 21.26
C GLN B 248 19.25 -28.21 22.15
N GLU B 249 19.98 -27.24 21.58
CA GLU B 249 20.92 -26.45 22.37
C GLU B 249 20.25 -25.76 23.54
N ILE B 250 19.09 -25.15 23.35
CA ILE B 250 18.45 -24.39 24.42
C ILE B 250 17.91 -25.35 25.50
N SER B 251 17.21 -26.40 25.10
CA SER B 251 16.57 -27.34 26.03
C SER B 251 17.68 -28.12 26.76
N ASN B 252 18.55 -28.78 26.00
CA ASN B 252 19.56 -29.66 26.57
C ASN B 252 20.46 -28.93 27.55
N ASP B 253 20.97 -27.84 27.08
CA ASP B 253 22.01 -27.12 27.75
C ASP B 253 21.53 -26.04 28.75
N TYR B 254 20.45 -25.29 28.46
CA TYR B 254 20.05 -24.18 29.33
C TYR B 254 18.83 -24.44 30.18
N LEU B 255 17.83 -25.12 29.64
CA LEU B 255 16.59 -25.39 30.38
C LEU B 255 16.65 -26.62 31.28
N GLU B 256 17.39 -27.66 30.84
CA GLU B 256 17.38 -28.98 31.50
C GLU B 256 17.84 -28.89 32.95
N PRO B 257 18.88 -28.07 33.23
CA PRO B 257 19.33 -27.85 34.62
C PRO B 257 18.25 -27.33 35.57
N HIS B 258 17.22 -26.66 35.07
CA HIS B 258 16.14 -26.14 35.90
C HIS B 258 14.86 -26.98 35.89
N HIS B 259 14.95 -28.28 35.55
CA HIS B 259 13.74 -29.13 35.38
C HIS B 259 12.83 -29.12 36.60
N ASP B 260 13.41 -29.23 37.80
CA ASP B 260 12.60 -29.37 39.05
C ASP B 260 11.83 -28.09 39.37
N ALA B 261 12.42 -26.93 39.07
CA ALA B 261 11.73 -25.62 39.23
C ALA B 261 10.63 -25.40 38.21
N LEU B 262 10.85 -25.94 37.02
CA LEU B 262 9.90 -25.85 35.90
C LEU B 262 8.73 -26.80 36.12
N ILE B 263 9.05 -28.04 36.49
CA ILE B 263 8.01 -29.00 36.90
C ILE B 263 7.07 -28.32 37.88
N GLN B 264 7.63 -27.54 38.81
CA GLN B 264 6.85 -26.93 39.86
C GLN B 264 6.02 -25.79 39.35
N LEU B 265 6.65 -24.90 38.59
CA LEU B 265 5.91 -23.81 37.95
C LEU B 265 4.77 -24.33 37.09
N HIS B 266 5.04 -25.37 36.28
CA HIS B 266 4.02 -25.96 35.40
C HIS B 266 2.72 -26.42 36.13
N GLU B 267 2.82 -26.88 37.39
CA GLU B 267 1.64 -27.17 38.22
C GLU B 267 1.42 -26.08 39.30
N MET C 1 -28.81 -14.27 9.58
CA MET C 1 -29.81 -13.35 8.94
C MET C 1 -29.17 -12.42 7.85
N ALA C 2 -30.02 -11.66 7.15
CA ALA C 2 -29.69 -10.50 6.28
C ALA C 2 -29.26 -10.82 4.82
N LEU C 3 -30.07 -10.41 3.85
CA LEU C 3 -29.73 -10.56 2.42
C LEU C 3 -28.53 -9.67 2.02
N TYR C 4 -28.57 -8.41 2.42
CA TYR C 4 -27.46 -7.48 2.24
C TYR C 4 -26.15 -8.05 2.77
N GLY C 5 -26.15 -8.41 4.05
CA GLY C 5 -24.96 -8.88 4.72
C GLY C 5 -24.44 -10.15 4.11
N PHE C 6 -25.34 -10.95 3.53
CA PHE C 6 -24.92 -12.15 2.76
C PHE C 6 -24.21 -11.77 1.45
N ALA C 7 -24.84 -10.85 0.72
CA ALA C 7 -24.31 -10.34 -0.55
C ALA C 7 -22.96 -9.68 -0.33
N GLN C 8 -22.83 -8.89 0.73
CA GLN C 8 -21.61 -8.13 0.93
C GLN C 8 -20.39 -9.04 1.16
N GLY C 9 -20.56 -10.11 1.92
CA GLY C 9 -19.47 -11.06 2.18
C GLY C 9 -19.12 -11.99 1.01
N LEU C 10 -20.14 -12.42 0.28
CA LEU C 10 -19.99 -13.14 -0.99
C LEU C 10 -19.08 -12.40 -2.01
N ILE C 11 -19.38 -11.12 -2.25
CA ILE C 11 -18.55 -10.29 -3.16
C ILE C 11 -17.09 -10.17 -2.67
N GLN C 12 -16.92 -9.86 -1.38
CA GLN C 12 -15.62 -9.89 -0.68
C GLN C 12 -14.93 -11.25 -0.83
N GLU C 13 -15.67 -12.31 -0.62
CA GLU C 13 -15.12 -13.63 -0.68
C GLU C 13 -14.71 -13.92 -2.14
N ALA C 14 -15.45 -13.37 -3.12
CA ALA C 14 -15.09 -13.55 -4.54
C ALA C 14 -13.91 -12.71 -4.98
N GLY C 15 -13.74 -11.55 -4.37
CA GLY C 15 -12.55 -10.70 -4.62
C GLY C 15 -11.25 -11.39 -4.17
N ILE C 16 -11.33 -12.01 -3.00
CA ILE C 16 -10.26 -12.83 -2.45
C ILE C 16 -9.80 -13.85 -3.48
N ARG C 17 -10.75 -14.61 -3.98
CA ARG C 17 -10.47 -15.66 -4.92
C ARG C 17 -9.87 -15.10 -6.20
N ILE C 18 -10.36 -13.96 -6.67
CA ILE C 18 -9.79 -13.36 -7.89
C ILE C 18 -8.33 -13.06 -7.69
N LYS C 19 -8.03 -12.32 -6.62
CA LYS C 19 -6.66 -12.00 -6.31
C LYS C 19 -5.78 -13.28 -6.09
N GLN C 20 -6.31 -14.37 -5.50
CA GLN C 20 -5.54 -15.63 -5.34
C GLN C 20 -5.18 -16.21 -6.71
N LEU C 21 -6.16 -16.32 -7.59
CA LEU C 21 -5.90 -16.82 -8.94
C LEU C 21 -4.84 -15.96 -9.68
N MET C 22 -4.90 -14.64 -9.53
CA MET C 22 -3.86 -13.76 -10.09
C MET C 22 -2.44 -13.95 -9.49
N GLU C 23 -2.33 -14.00 -8.16
CA GLU C 23 -1.03 -14.27 -7.48
C GLU C 23 -0.44 -15.57 -7.99
N GLN C 24 -1.27 -16.62 -8.01
CA GLN C 24 -0.84 -17.94 -8.39
C GLN C 24 -0.33 -18.03 -9.81
N ASN C 25 -0.80 -17.17 -10.69
CA ASN C 25 -0.30 -17.16 -12.06
C ASN C 25 1.15 -16.65 -12.26
N LEU C 26 1.90 -16.36 -11.18
CA LEU C 26 3.36 -16.14 -11.27
C LEU C 26 4.20 -17.21 -10.51
N THR C 27 3.84 -18.49 -10.66
CA THR C 27 4.53 -19.60 -9.95
C THR C 27 4.20 -20.97 -10.53
N PRO C 34 -2.18 -13.77 -21.26
CA PRO C 34 -3.19 -13.21 -20.35
C PRO C 34 -4.71 -13.51 -20.68
N ASN C 35 -4.98 -14.03 -21.88
CA ASN C 35 -6.35 -14.38 -22.30
C ASN C 35 -6.88 -15.70 -21.76
N ASP C 36 -6.03 -16.69 -21.58
CA ASP C 36 -6.48 -17.92 -20.95
C ASP C 36 -6.86 -17.62 -19.48
N LEU C 37 -6.07 -16.78 -18.81
CA LEU C 37 -6.28 -16.38 -17.41
C LEU C 37 -7.63 -15.73 -17.14
N VAL C 38 -7.93 -14.66 -17.83
CA VAL C 38 -9.17 -13.94 -17.59
C VAL C 38 -10.39 -14.82 -17.85
N THR C 39 -10.31 -15.68 -18.88
CA THR C 39 -11.35 -16.69 -19.22
C THR C 39 -11.61 -17.62 -18.04
N ASN C 40 -10.54 -18.17 -17.49
CA ASN C 40 -10.63 -19.06 -16.31
C ASN C 40 -11.01 -18.36 -15.01
N VAL C 41 -10.48 -17.16 -14.75
CA VAL C 41 -10.82 -16.44 -13.51
C VAL C 41 -12.31 -16.10 -13.54
N ASP C 42 -12.77 -15.53 -14.65
CA ASP C 42 -14.18 -15.14 -14.83
C ASP C 42 -15.09 -16.36 -14.66
N LYS C 43 -14.66 -17.52 -15.16
CA LYS C 43 -15.47 -18.77 -15.08
C LYS C 43 -15.52 -19.27 -13.63
N ALA C 44 -14.35 -19.33 -13.01
CA ALA C 44 -14.18 -19.70 -11.61
C ALA C 44 -14.95 -18.84 -10.62
N THR C 45 -14.91 -17.51 -10.81
CA THR C 45 -15.63 -16.55 -9.95
C THR C 45 -17.13 -16.56 -10.20
N GLU C 46 -17.51 -16.77 -11.47
CA GLU C 46 -18.92 -16.93 -11.82
C GLU C 46 -19.47 -18.23 -11.19
N ASP C 47 -18.74 -19.33 -11.33
CA ASP C 47 -19.14 -20.59 -10.66
C ASP C 47 -19.15 -20.50 -9.12
N PHE C 48 -18.15 -19.89 -8.49
CA PHE C 48 -18.20 -19.62 -7.05
C PHE C 48 -19.45 -18.81 -6.61
N ILE C 49 -19.72 -17.71 -7.31
CA ILE C 49 -20.81 -16.80 -6.94
C ILE C 49 -22.13 -17.47 -7.16
N PHE C 50 -22.26 -18.18 -8.27
CA PHE C 50 -23.51 -18.88 -8.63
C PHE C 50 -23.78 -20.00 -7.63
N ASP C 51 -22.81 -20.90 -7.48
CA ASP C 51 -23.00 -22.06 -6.61
C ASP C 51 -23.32 -21.57 -5.22
N THR C 52 -22.64 -20.52 -4.78
CA THR C 52 -22.79 -20.03 -3.41
C THR C 52 -24.17 -19.46 -3.14
N ILE C 53 -24.67 -18.64 -4.05
CA ILE C 53 -26.02 -18.09 -3.91
C ILE C 53 -27.06 -19.21 -3.86
N LEU C 54 -26.92 -20.21 -4.74
CA LEU C 54 -27.90 -21.30 -4.81
C LEU C 54 -27.86 -22.19 -3.56
N GLU C 55 -26.67 -22.55 -3.05
CA GLU C 55 -26.55 -23.38 -1.83
C GLU C 55 -27.30 -22.79 -0.66
N THR C 56 -27.30 -21.46 -0.54
CA THR C 56 -27.97 -20.78 0.58
C THR C 56 -29.40 -20.33 0.30
N TYR C 57 -29.71 -20.05 -0.97
CA TYR C 57 -31.06 -19.60 -1.34
C TYR C 57 -31.51 -20.35 -2.59
N PRO C 58 -31.97 -21.61 -2.41
CA PRO C 58 -32.44 -22.43 -3.53
C PRO C 58 -33.50 -21.83 -4.46
N ASN C 59 -34.32 -20.91 -3.98
CA ASN C 59 -35.37 -20.31 -4.83
C ASN C 59 -35.03 -19.02 -5.54
N HIS C 60 -33.85 -18.46 -5.33
CA HIS C 60 -33.44 -17.25 -6.06
C HIS C 60 -32.87 -17.60 -7.42
N GLN C 61 -32.75 -16.59 -8.27
CA GLN C 61 -32.17 -16.74 -9.60
C GLN C 61 -30.95 -15.84 -9.81
N VAL C 62 -30.00 -16.38 -10.56
CA VAL C 62 -28.79 -15.70 -10.98
C VAL C 62 -28.92 -15.35 -12.47
N LEU C 63 -28.88 -14.05 -12.76
CA LEU C 63 -28.83 -13.49 -14.11
C LEU C 63 -27.36 -13.06 -14.39
N GLY C 64 -26.73 -13.73 -15.37
CA GLY C 64 -25.40 -13.43 -15.92
C GLY C 64 -25.27 -13.90 -17.37
N ILE C 72 -35.55 -16.74 -18.07
CA ILE C 72 -35.84 -16.21 -16.72
C ILE C 72 -36.77 -14.98 -16.74
N ASP C 73 -37.83 -15.00 -15.91
CA ASP C 73 -38.70 -13.82 -15.69
C ASP C 73 -38.10 -13.05 -14.53
N THR C 74 -37.65 -11.82 -14.78
CA THR C 74 -36.92 -11.00 -13.79
C THR C 74 -37.82 -10.16 -12.83
N SER C 75 -39.11 -10.07 -13.15
CA SER C 75 -40.13 -9.51 -12.27
C SER C 75 -40.61 -10.46 -11.20
N LYS C 76 -40.11 -11.70 -11.16
CA LYS C 76 -40.65 -12.77 -10.28
C LYS C 76 -39.54 -13.21 -9.31
N GLY C 77 -39.86 -13.16 -8.01
CA GLY C 77 -38.92 -13.58 -6.97
C GLY C 77 -37.73 -12.63 -6.84
N THR C 78 -36.63 -13.22 -6.40
CA THR C 78 -35.41 -12.52 -6.11
C THR C 78 -34.33 -12.91 -7.14
N VAL C 79 -33.80 -11.88 -7.82
CA VAL C 79 -32.84 -12.07 -8.92
C VAL C 79 -31.49 -11.37 -8.59
N TRP C 80 -30.42 -12.16 -8.66
CA TRP C 80 -29.06 -11.71 -8.51
C TRP C 80 -28.52 -11.45 -9.92
N VAL C 81 -28.31 -10.17 -10.23
CA VAL C 81 -27.78 -9.82 -11.55
C VAL C 81 -26.30 -9.48 -11.34
N VAL C 82 -25.46 -10.43 -11.79
CA VAL C 82 -24.05 -10.46 -11.47
C VAL C 82 -23.18 -10.43 -12.73
N ASP C 83 -22.13 -9.63 -12.66
CA ASP C 83 -20.98 -9.74 -13.54
C ASP C 83 -19.75 -10.00 -12.65
N PRO C 84 -19.13 -11.17 -12.75
CA PRO C 84 -17.89 -11.40 -12.00
C PRO C 84 -16.70 -10.53 -12.42
N ILE C 85 -16.59 -10.16 -13.70
CA ILE C 85 -15.55 -9.24 -14.13
C ILE C 85 -16.03 -8.25 -15.18
N ASP C 86 -16.45 -7.07 -14.72
CA ASP C 86 -16.77 -5.98 -15.60
C ASP C 86 -15.46 -5.22 -15.88
N GLY C 87 -15.04 -5.27 -17.14
CA GLY C 87 -13.75 -4.72 -17.58
C GLY C 87 -12.70 -5.78 -17.84
N THR C 88 -13.05 -6.78 -18.65
CA THR C 88 -12.12 -7.91 -18.94
C THR C 88 -10.86 -7.49 -19.68
N LEU C 89 -10.95 -6.58 -20.65
CA LEU C 89 -9.74 -5.97 -21.25
C LEU C 89 -8.87 -5.24 -20.26
N ASN C 90 -9.47 -4.50 -19.33
CA ASN C 90 -8.68 -3.87 -18.27
C ASN C 90 -7.94 -4.95 -17.43
N PHE C 91 -8.62 -6.05 -17.15
CA PHE C 91 -8.02 -7.15 -16.39
C PHE C 91 -6.83 -7.73 -17.16
N VAL C 92 -7.01 -7.96 -18.45
CA VAL C 92 -5.99 -8.57 -19.24
C VAL C 92 -4.79 -7.66 -19.40
N HIS C 93 -5.03 -6.38 -19.67
CA HIS C 93 -4.00 -5.45 -20.08
C HIS C 93 -3.40 -4.57 -18.95
N GLN C 94 -4.14 -4.41 -17.88
CA GLN C 94 -3.77 -3.51 -16.83
C GLN C 94 -3.72 -4.17 -15.46
N GLN C 95 -4.31 -5.35 -15.32
CA GLN C 95 -4.41 -6.07 -14.03
C GLN C 95 -5.04 -5.23 -12.91
N GLU C 96 -6.05 -4.46 -13.26
CA GLU C 96 -6.70 -3.48 -12.37
C GLU C 96 -7.74 -2.77 -13.16
N ASN C 97 -8.54 -1.87 -12.52
CA ASN C 97 -9.61 -1.15 -13.15
C ASN C 97 -10.74 -2.03 -13.64
N PHE C 98 -11.05 -3.08 -12.86
CA PHE C 98 -12.14 -3.98 -13.12
C PHE C 98 -12.92 -4.22 -11.85
N ALA C 99 -14.19 -4.57 -12.02
CA ALA C 99 -15.06 -4.77 -10.90
C ALA C 99 -15.90 -6.03 -10.97
N ILE C 100 -16.23 -6.54 -9.80
CA ILE C 100 -17.37 -7.46 -9.60
C ILE C 100 -18.61 -6.55 -9.38
N SER C 101 -19.70 -6.81 -10.10
CA SER C 101 -20.93 -6.04 -9.97
C SER C 101 -22.10 -6.95 -9.62
N ILE C 102 -22.90 -6.55 -8.64
CA ILE C 102 -24.07 -7.34 -8.20
C ILE C 102 -25.19 -6.38 -7.88
N GLY C 103 -26.30 -6.53 -8.57
CA GLY C 103 -27.53 -5.84 -8.23
C GLY C 103 -28.55 -6.90 -7.81
N ILE C 104 -29.22 -6.67 -6.69
CA ILE C 104 -30.26 -7.58 -6.18
C ILE C 104 -31.63 -6.92 -6.37
N TYR C 105 -32.48 -7.55 -7.17
CA TYR C 105 -33.89 -7.16 -7.37
C TYR C 105 -34.87 -8.18 -6.74
N ILE C 106 -35.97 -7.67 -6.22
CA ILE C 106 -37.02 -8.50 -5.58
C ILE C 106 -38.35 -8.14 -6.24
N ASP C 107 -38.95 -9.10 -6.95
CA ASP C 107 -40.18 -8.86 -7.74
C ASP C 107 -40.00 -7.65 -8.66
N GLY C 108 -38.89 -7.67 -9.41
CA GLY C 108 -38.51 -6.56 -10.30
C GLY C 108 -38.26 -5.15 -9.74
N LYS C 109 -38.21 -4.97 -8.43
CA LYS C 109 -37.83 -3.68 -7.82
C LYS C 109 -36.42 -3.76 -7.25
N PRO C 110 -35.61 -2.69 -7.41
CA PRO C 110 -34.27 -2.56 -6.79
C PRO C 110 -34.24 -2.91 -5.32
N TYR C 111 -33.23 -3.69 -4.88
CA TYR C 111 -33.02 -3.88 -3.45
C TYR C 111 -31.65 -3.41 -2.98
N ALA C 112 -30.58 -3.91 -3.57
CA ALA C 112 -29.25 -3.48 -3.18
C ALA C 112 -28.31 -3.54 -4.36
N GLY C 113 -27.27 -2.71 -4.29
CA GLY C 113 -26.25 -2.64 -5.32
C GLY C 113 -24.81 -2.62 -4.84
N PHE C 114 -23.99 -3.43 -5.48
CA PHE C 114 -22.59 -3.61 -5.16
C PHE C 114 -21.70 -3.54 -6.41
N VAL C 115 -20.72 -2.61 -6.41
CA VAL C 115 -19.56 -2.69 -7.30
C VAL C 115 -18.23 -2.55 -6.55
N TYR C 116 -17.40 -3.55 -6.77
CA TYR C 116 -16.24 -3.79 -5.98
C TYR C 116 -15.04 -3.60 -6.91
N ASP C 117 -14.31 -2.51 -6.71
CA ASP C 117 -13.05 -2.28 -7.44
C ASP C 117 -12.02 -3.21 -6.75
N VAL C 118 -11.83 -4.41 -7.32
CA VAL C 118 -11.15 -5.49 -6.68
C VAL C 118 -9.72 -5.12 -6.35
N MET C 119 -9.00 -4.52 -7.28
CA MET C 119 -7.59 -4.26 -7.06
C MET C 119 -7.33 -2.99 -6.27
N ALA C 120 -8.27 -2.08 -6.24
CA ALA C 120 -8.16 -0.89 -5.43
C ALA C 120 -8.69 -1.18 -4.03
N ASP C 121 -9.37 -2.31 -3.87
CA ASP C 121 -9.97 -2.70 -2.61
C ASP C 121 -10.97 -1.67 -2.07
N VAL C 122 -11.91 -1.30 -2.94
CA VAL C 122 -12.94 -0.32 -2.62
C VAL C 122 -14.31 -0.86 -2.97
N LEU C 123 -15.16 -1.06 -1.95
CA LEU C 123 -16.50 -1.57 -2.16
C LEU C 123 -17.43 -0.41 -2.23
N TYR C 124 -18.07 -0.20 -3.39
CA TYR C 124 -19.17 0.78 -3.53
C TYR C 124 -20.46 0.03 -3.36
N HIS C 125 -21.30 0.48 -2.43
CA HIS C 125 -22.55 -0.18 -2.12
C HIS C 125 -23.65 0.79 -1.71
N ALA C 126 -24.88 0.31 -1.86
CA ALA C 126 -26.10 1.04 -1.55
C ALA C 126 -27.29 0.03 -1.42
N LYS C 127 -28.13 0.26 -0.39
CA LYS C 127 -29.50 -0.31 -0.32
C LYS C 127 -30.48 0.77 -0.70
N VAL C 128 -31.58 0.42 -1.35
CA VAL C 128 -32.60 1.44 -1.73
C VAL C 128 -33.12 2.26 -0.53
N GLY C 129 -33.10 3.59 -0.68
CA GLY C 129 -33.52 4.53 0.34
C GLY C 129 -32.73 4.51 1.64
N GLU C 130 -31.48 4.06 1.61
CA GLU C 130 -30.56 4.18 2.75
C GLU C 130 -29.21 4.78 2.40
N GLY C 131 -29.11 5.45 1.24
CA GLY C 131 -27.88 6.14 0.83
C GLY C 131 -26.79 5.29 0.15
N ALA C 132 -25.75 5.96 -0.35
CA ALA C 132 -24.66 5.31 -1.06
C ALA C 132 -23.32 5.55 -0.40
N TYR C 133 -22.46 4.55 -0.54
CA TYR C 133 -21.22 4.45 0.22
C TYR C 133 -20.08 4.07 -0.67
N ARG C 134 -18.92 4.71 -0.42
CA ARG C 134 -17.63 4.22 -0.81
C ARG C 134 -17.02 3.65 0.45
N GLY C 135 -16.88 2.33 0.55
CA GLY C 135 -16.55 1.66 1.82
C GLY C 135 -17.42 2.11 3.00
N SER C 136 -16.83 2.73 4.01
CA SER C 136 -17.56 3.28 5.13
C SER C 136 -17.96 4.76 4.97
N GLN C 137 -17.53 5.42 3.90
CA GLN C 137 -17.84 6.85 3.73
C GLN C 137 -19.09 7.04 2.90
N PRO C 138 -20.11 7.78 3.42
CA PRO C 138 -21.28 8.01 2.56
C PRO C 138 -20.90 8.96 1.42
N LEU C 139 -21.70 8.91 0.34
CA LEU C 139 -21.48 9.79 -0.82
C LEU C 139 -22.47 10.92 -0.76
N LYS C 140 -22.07 12.10 -1.15
CA LYS C 140 -22.89 13.27 -1.11
C LYS C 140 -23.84 13.18 -2.31
N PRO C 141 -25.10 13.67 -2.16
CA PRO C 141 -26.03 13.72 -3.29
C PRO C 141 -25.52 14.65 -4.40
N LEU C 142 -25.80 14.32 -5.65
CA LEU C 142 -25.29 15.09 -6.80
C LEU C 142 -25.89 16.50 -6.96
N ASN C 143 -25.10 17.40 -7.51
CA ASN C 143 -25.54 18.72 -7.88
C ASN C 143 -25.63 18.78 -9.41
N ASP C 144 -26.57 19.58 -9.93
CA ASP C 144 -26.79 19.72 -11.36
C ASP C 144 -25.55 20.39 -12.00
N SER C 145 -25.26 20.10 -13.27
CA SER C 145 -24.25 20.86 -14.01
C SER C 145 -24.74 21.08 -15.40
N ASN C 146 -24.19 22.09 -16.07
CA ASN C 146 -24.34 22.24 -17.53
C ASN C 146 -23.31 21.42 -18.33
N LEU C 147 -23.71 21.03 -19.53
CA LEU C 147 -22.86 20.26 -20.40
C LEU C 147 -21.54 20.97 -20.65
N ARG C 148 -21.61 22.27 -20.95
CA ARG C 148 -20.42 23.16 -21.09
C ARG C 148 -19.30 23.06 -20.03
N GLN C 149 -19.64 22.69 -18.80
CA GLN C 149 -18.64 22.56 -17.75
C GLN C 149 -18.64 21.15 -17.15
N SER C 150 -19.04 20.13 -17.92
CA SER C 150 -19.14 18.75 -17.43
C SER C 150 -18.05 17.89 -18.12
N ILE C 151 -17.52 16.93 -17.38
CA ILE C 151 -16.64 15.91 -18.00
C ILE C 151 -17.54 14.74 -18.22
N ILE C 152 -17.45 14.14 -19.38
CA ILE C 152 -18.33 13.01 -19.72
C ILE C 152 -17.52 11.76 -20.09
N GLY C 153 -18.07 10.60 -19.75
CA GLY C 153 -17.47 9.32 -20.01
C GLY C 153 -18.10 8.79 -21.27
N ILE C 154 -17.28 8.52 -22.28
CA ILE C 154 -17.68 7.85 -23.47
C ILE C 154 -16.44 7.29 -24.25
N ASN C 155 -16.56 6.07 -24.72
CA ASN C 155 -15.46 5.40 -25.42
C ASN C 155 -15.28 6.04 -26.84
N PRO C 156 -14.03 6.38 -27.17
CA PRO C 156 -13.72 6.91 -28.48
C PRO C 156 -14.41 6.12 -29.61
N ASN C 157 -14.38 4.80 -29.54
CA ASN C 157 -14.97 3.89 -30.53
C ASN C 157 -16.39 4.22 -31.03
N TRP C 158 -17.24 4.79 -30.18
CA TRP C 158 -18.63 5.07 -30.55
C TRP C 158 -18.74 6.28 -31.47
N LEU C 159 -17.71 7.11 -31.50
CA LEU C 159 -17.66 8.25 -32.34
C LEU C 159 -17.36 7.96 -33.78
N THR C 160 -16.85 6.76 -34.07
CA THR C 160 -16.59 6.31 -35.44
C THR C 160 -17.77 5.61 -36.10
N LYS C 161 -18.83 5.35 -35.36
CA LYS C 161 -19.93 4.54 -35.82
C LYS C 161 -20.90 5.27 -36.77
N PRO C 162 -21.45 4.54 -37.78
CA PRO C 162 -22.52 5.05 -38.61
C PRO C 162 -23.71 5.59 -37.80
N ILE C 163 -24.15 6.80 -38.13
CA ILE C 163 -25.35 7.47 -37.52
C ILE C 163 -25.07 7.95 -36.10
N LEU C 164 -24.76 6.99 -35.26
CA LEU C 164 -24.46 7.18 -33.88
C LEU C 164 -23.29 8.15 -33.61
N GLY C 165 -22.18 7.92 -34.32
CA GLY C 165 -21.02 8.80 -34.28
C GLY C 165 -21.33 10.28 -34.41
N GLU C 166 -22.18 10.66 -35.36
CA GLU C 166 -22.47 12.09 -35.58
C GLU C 166 -23.25 12.65 -34.43
N ILE C 167 -24.13 11.82 -33.88
CA ILE C 167 -24.94 12.21 -32.74
C ILE C 167 -24.05 12.42 -31.48
N PHE C 168 -23.21 11.45 -31.16
CA PHE C 168 -22.31 11.64 -30.01
C PHE C 168 -21.28 12.76 -30.16
N LYS C 169 -20.74 12.92 -31.37
CA LYS C 169 -19.90 14.06 -31.71
C LYS C 169 -20.38 15.45 -31.20
N GLU C 170 -21.63 15.83 -31.50
CA GLU C 170 -22.16 17.16 -31.07
C GLU C 170 -22.10 17.29 -29.52
N ILE C 171 -22.43 16.19 -28.83
CA ILE C 171 -22.41 16.23 -27.40
C ILE C 171 -20.96 16.28 -26.86
N VAL C 172 -20.03 15.54 -27.47
CA VAL C 172 -18.65 15.61 -27.02
C VAL C 172 -18.05 17.01 -27.30
N ASN C 173 -18.31 17.57 -28.46
CA ASN C 173 -17.73 18.91 -28.81
C ASN C 173 -18.14 20.05 -27.84
N ASP C 174 -19.27 19.83 -27.22
CA ASP C 174 -19.87 20.74 -26.32
C ASP C 174 -19.43 20.55 -24.84
N SER C 175 -19.18 19.29 -24.46
CA SER C 175 -18.60 18.96 -23.17
C SER C 175 -17.24 19.63 -22.97
N ARG C 176 -16.94 19.96 -21.71
CA ARG C 176 -15.68 20.58 -21.35
C ARG C 176 -14.51 19.62 -21.73
N SER C 177 -14.69 18.33 -21.45
CA SER C 177 -13.77 17.32 -21.90
C SER C 177 -14.40 15.94 -21.72
N ALA C 178 -13.78 14.94 -22.30
CA ALA C 178 -14.27 13.55 -22.23
C ALA C 178 -13.20 12.60 -21.70
N ARG C 179 -13.67 11.44 -21.19
CA ARG C 179 -12.84 10.41 -20.57
C ARG C 179 -13.38 9.00 -20.96
N ALA C 180 -12.56 7.96 -20.77
CA ALA C 180 -13.02 6.60 -20.90
C ALA C 180 -12.15 5.59 -20.17
N TYR C 181 -12.76 4.81 -19.30
CA TYR C 181 -12.08 3.93 -18.36
C TYR C 181 -12.24 2.44 -18.59
N GLY C 182 -13.26 2.00 -19.35
CA GLY C 182 -13.32 0.61 -19.85
C GLY C 182 -14.07 -0.37 -18.96
N SER C 183 -14.61 0.10 -17.85
CA SER C 183 -15.49 -0.68 -16.99
C SER C 183 -16.79 0.11 -16.74
N ALA C 184 -17.86 -0.23 -17.44
CA ALA C 184 -19.11 0.49 -17.26
C ALA C 184 -19.62 0.56 -15.80
N ALA C 185 -19.44 -0.50 -15.02
CA ALA C 185 -19.88 -0.46 -13.64
C ALA C 185 -19.09 0.65 -12.94
N LEU C 186 -17.78 0.69 -13.16
CA LEU C 186 -17.00 1.75 -12.51
C LEU C 186 -17.22 3.16 -13.06
N GLU C 187 -17.60 3.29 -14.33
CA GLU C 187 -17.98 4.61 -14.90
C GLU C 187 -19.36 5.11 -14.36
N ILE C 188 -20.27 4.19 -14.11
CA ILE C 188 -21.57 4.53 -13.47
C ILE C 188 -21.33 5.01 -12.03
N VAL C 189 -20.53 4.26 -11.27
CA VAL C 189 -20.02 4.70 -9.96
C VAL C 189 -19.26 6.06 -10.03
N SER C 190 -18.41 6.24 -11.04
CA SER C 190 -17.81 7.57 -11.24
C SER C 190 -18.84 8.67 -11.34
N VAL C 191 -20.01 8.41 -11.93
CA VAL C 191 -21.10 9.42 -11.89
C VAL C 191 -21.65 9.61 -10.49
N ALA C 192 -21.80 8.51 -9.76
CA ALA C 192 -22.29 8.53 -8.38
C ALA C 192 -21.38 9.27 -7.41
N THR C 193 -20.09 9.19 -7.62
CA THR C 193 -19.10 9.85 -6.80
C THR C 193 -18.78 11.29 -7.16
N GLY C 194 -19.28 11.76 -8.30
CA GLY C 194 -18.88 13.12 -8.83
C GLY C 194 -17.69 13.21 -9.76
N ASN C 195 -17.05 12.06 -10.06
CA ASN C 195 -15.83 12.04 -10.85
C ASN C 195 -16.05 12.17 -12.38
N LEU C 196 -17.22 11.77 -12.85
CA LEU C 196 -17.77 12.21 -14.14
C LEU C 196 -19.17 12.82 -13.86
N GLU C 197 -19.53 13.87 -14.60
CA GLU C 197 -20.88 14.41 -14.58
C GLU C 197 -21.88 13.56 -15.41
N ALA C 198 -21.40 12.84 -16.45
CA ALA C 198 -22.22 11.89 -17.17
C ALA C 198 -21.43 10.75 -17.82
N TYR C 199 -22.17 9.73 -18.22
CA TYR C 199 -21.63 8.61 -18.89
C TYR C 199 -22.69 8.09 -19.87
N MET C 200 -22.23 7.65 -21.05
CA MET C 200 -23.08 7.10 -22.06
C MET C 200 -22.40 5.98 -22.88
N THR C 201 -23.25 5.06 -23.32
CA THR C 201 -22.92 4.00 -24.26
C THR C 201 -24.14 3.46 -24.95
N PRO C 202 -24.02 3.08 -26.22
CA PRO C 202 -25.16 2.51 -26.94
C PRO C 202 -25.55 1.07 -26.56
N ARG C 203 -24.69 0.35 -25.86
CA ARG C 203 -24.91 -1.08 -25.62
C ARG C 203 -24.35 -1.47 -24.26
N LEU C 204 -25.23 -1.93 -23.38
CA LEU C 204 -24.81 -2.47 -22.09
C LEU C 204 -25.79 -3.55 -21.67
N GLN C 205 -25.26 -4.61 -21.10
CA GLN C 205 -26.04 -5.67 -20.50
C GLN C 205 -26.48 -5.34 -19.07
N PRO C 206 -27.55 -6.00 -18.58
CA PRO C 206 -28.06 -5.66 -17.25
C PRO C 206 -27.05 -5.89 -16.16
N TRP C 207 -26.25 -6.93 -16.31
CA TRP C 207 -25.22 -7.23 -15.31
C TRP C 207 -24.13 -6.20 -15.18
N ASP C 208 -23.94 -5.39 -16.23
CA ASP C 208 -23.02 -4.26 -16.26
C ASP C 208 -23.59 -3.00 -15.59
N PHE C 209 -24.91 -2.84 -15.53
CA PHE C 209 -25.47 -1.66 -14.84
C PHE C 209 -26.27 -1.85 -13.57
N ALA C 210 -26.82 -3.04 -13.35
CA ALA C 210 -27.81 -3.24 -12.28
C ALA C 210 -27.26 -2.88 -10.93
N GLY C 211 -26.04 -3.30 -10.61
CA GLY C 211 -25.36 -2.85 -9.38
C GLY C 211 -25.10 -1.36 -9.23
N GLY C 212 -24.54 -0.72 -10.27
CA GLY C 212 -24.21 0.71 -10.19
C GLY C 212 -25.38 1.68 -10.14
N LEU C 213 -26.48 1.26 -10.72
CA LEU C 213 -27.69 2.05 -10.79
C LEU C 213 -28.37 2.25 -9.41
N VAL C 214 -28.24 1.30 -8.50
CA VAL C 214 -28.80 1.47 -7.13
C VAL C 214 -27.99 2.59 -6.46
N ILE C 215 -26.68 2.51 -6.66
CA ILE C 215 -25.75 3.47 -6.08
C ILE C 215 -26.03 4.84 -6.68
N LEU C 216 -26.11 4.90 -7.99
CA LEU C 216 -26.42 6.16 -8.67
C LEU C 216 -27.77 6.78 -8.16
N TYR C 217 -28.81 5.99 -8.10
CA TYR C 217 -30.09 6.52 -7.66
C TYR C 217 -30.05 6.97 -6.19
N GLU C 218 -29.20 6.39 -5.35
CA GLU C 218 -29.08 6.85 -3.95
C GLU C 218 -28.43 8.24 -3.75
N VAL C 219 -27.75 8.76 -4.77
CA VAL C 219 -27.11 10.06 -4.70
C VAL C 219 -27.87 11.02 -5.58
N ASN C 220 -29.06 10.64 -6.02
CA ASN C 220 -29.95 11.53 -6.73
C ASN C 220 -29.65 11.73 -8.23
N GLY C 221 -28.92 10.81 -8.85
CA GLY C 221 -28.61 10.97 -10.26
C GLY C 221 -29.68 10.29 -11.02
N GLN C 222 -29.73 10.54 -12.33
CA GLN C 222 -30.68 9.84 -13.10
C GLN C 222 -30.17 9.00 -14.26
N ALA C 223 -30.96 7.98 -14.56
CA ALA C 223 -30.66 7.02 -15.60
C ALA C 223 -31.86 6.77 -16.52
N SER C 224 -31.53 6.65 -17.81
CA SER C 224 -32.38 6.30 -18.90
C SER C 224 -31.51 5.58 -19.96
N ASN C 225 -32.14 5.15 -21.05
CA ASN C 225 -31.41 4.74 -22.24
C ASN C 225 -31.32 5.99 -23.14
N LEU C 226 -30.81 5.89 -24.37
CA LEU C 226 -30.63 7.13 -25.16
C LEU C 226 -31.89 7.73 -25.74
N LEU C 227 -33.00 7.03 -25.53
CA LEU C 227 -34.36 7.43 -25.85
C LEU C 227 -35.17 7.99 -24.67
N GLY C 228 -34.56 8.14 -23.49
CA GLY C 228 -35.25 8.67 -22.32
C GLY C 228 -36.02 7.64 -21.50
N GLU C 229 -36.04 6.40 -21.96
CA GLU C 229 -36.88 5.38 -21.37
C GLU C 229 -36.18 4.80 -20.14
N PRO C 230 -36.92 4.17 -19.22
CA PRO C 230 -36.29 3.76 -17.96
C PRO C 230 -35.51 2.47 -18.13
N LEU C 231 -34.45 2.25 -17.32
CA LEU C 231 -33.63 1.06 -17.46
C LEU C 231 -34.17 0.01 -16.58
N THR C 232 -34.29 -1.19 -17.09
CA THR C 232 -34.72 -2.28 -16.28
C THR C 232 -33.84 -3.45 -16.64
N ILE C 233 -33.86 -4.49 -15.79
CA ILE C 233 -33.03 -5.68 -15.95
C ILE C 233 -33.58 -6.80 -16.88
N SER C 234 -34.61 -6.49 -17.66
CA SER C 234 -35.29 -7.47 -18.50
C SER C 234 -34.63 -7.50 -19.85
N GLY C 235 -33.74 -6.55 -20.11
CA GLY C 235 -32.89 -6.70 -21.27
C GLY C 235 -31.74 -5.70 -21.30
N PRO C 236 -30.81 -5.93 -22.26
CA PRO C 236 -29.76 -4.96 -22.62
C PRO C 236 -30.38 -3.67 -23.11
N ASN C 237 -29.59 -2.61 -23.15
CA ASN C 237 -30.10 -1.32 -23.47
C ASN C 237 -28.96 -0.36 -23.69
N SER C 238 -29.29 0.83 -24.15
CA SER C 238 -28.35 1.92 -24.20
C SER C 238 -28.42 2.61 -22.85
N ILE C 239 -27.51 3.56 -22.62
CA ILE C 239 -27.31 4.16 -21.34
C ILE C 239 -26.96 5.64 -21.46
N LEU C 240 -27.60 6.44 -20.61
CA LEU C 240 -27.19 7.83 -20.33
C LEU C 240 -27.38 8.00 -18.84
N VAL C 241 -26.31 8.22 -18.10
CA VAL C 241 -26.44 8.53 -16.68
C VAL C 241 -25.81 9.86 -16.43
N GLY C 242 -26.25 10.54 -15.39
CA GLY C 242 -25.77 11.83 -15.05
C GLY C 242 -26.50 12.42 -13.88
N ASN C 243 -26.07 13.62 -13.49
CA ASN C 243 -26.88 14.44 -12.61
C ASN C 243 -28.12 14.90 -13.45
N ARG C 244 -29.18 15.35 -12.77
CA ARG C 244 -30.50 15.60 -13.40
C ARG C 244 -30.34 16.63 -14.49
N GLY C 245 -29.68 17.70 -14.12
CA GLY C 245 -28.98 18.57 -15.01
C GLY C 245 -29.29 18.70 -16.48
N LEU C 246 -28.45 18.44 -17.43
CA LEU C 246 -27.32 17.53 -17.58
C LEU C 246 -27.75 16.28 -18.31
N HIS C 247 -28.38 15.37 -17.57
CA HIS C 247 -29.10 14.27 -18.19
C HIS C 247 -30.17 14.94 -19.06
N GLN C 248 -30.97 15.82 -18.41
CA GLN C 248 -31.99 16.70 -19.05
C GLN C 248 -31.41 17.37 -20.26
N GLU C 249 -30.29 18.05 -20.12
CA GLU C 249 -29.77 18.85 -21.20
C GLU C 249 -29.28 17.94 -22.32
N ILE C 250 -28.61 16.85 -21.99
CA ILE C 250 -28.14 15.97 -23.03
C ILE C 250 -29.31 15.33 -23.79
N SER C 251 -30.28 14.79 -23.05
CA SER C 251 -31.46 14.17 -23.67
C SER C 251 -32.21 15.23 -24.50
N ASN C 252 -32.60 16.34 -23.90
CA ASN C 252 -33.46 17.32 -24.55
C ASN C 252 -32.85 18.07 -25.71
N ASP C 253 -31.57 18.43 -25.56
CA ASP C 253 -30.93 19.27 -26.52
C ASP C 253 -30.23 18.49 -27.65
N TYR C 254 -29.55 17.40 -27.30
CA TYR C 254 -28.67 16.72 -28.26
C TYR C 254 -29.13 15.34 -28.75
N LEU C 255 -29.94 14.60 -27.99
CA LEU C 255 -30.44 13.26 -28.43
C LEU C 255 -31.87 13.30 -29.05
N GLU C 256 -32.76 13.99 -28.35
CA GLU C 256 -34.13 14.20 -28.77
C GLU C 256 -34.34 14.55 -30.25
N PRO C 257 -33.62 15.53 -30.81
CA PRO C 257 -33.68 15.80 -32.24
C PRO C 257 -33.33 14.64 -33.14
N HIS C 258 -32.79 13.56 -32.61
CA HIS C 258 -32.41 12.45 -33.43
C HIS C 258 -33.15 11.23 -32.98
N HIS C 259 -34.28 11.46 -32.31
CA HIS C 259 -35.16 10.40 -31.83
C HIS C 259 -35.40 9.29 -32.83
N ASP C 260 -35.73 9.62 -34.07
CA ASP C 260 -36.22 8.57 -35.00
C ASP C 260 -35.03 7.70 -35.48
N ALA C 261 -33.85 8.30 -35.64
CA ALA C 261 -32.61 7.56 -35.92
C ALA C 261 -32.21 6.67 -34.78
N LEU C 262 -32.28 7.19 -33.55
CA LEU C 262 -31.97 6.39 -32.37
C LEU C 262 -32.98 5.23 -32.15
N ILE C 263 -34.27 5.44 -32.43
CA ILE C 263 -35.23 4.33 -32.34
C ILE C 263 -34.81 3.25 -33.33
N GLN C 264 -34.34 3.65 -34.51
CA GLN C 264 -34.05 2.69 -35.56
C GLN C 264 -32.84 1.82 -35.20
N LEU C 265 -31.74 2.51 -34.83
CA LEU C 265 -30.58 1.85 -34.21
C LEU C 265 -31.00 0.98 -33.06
N HIS C 266 -31.86 1.52 -32.19
CA HIS C 266 -32.26 0.77 -31.04
C HIS C 266 -32.96 -0.51 -31.47
N GLU C 267 -33.87 -0.46 -32.45
CA GLU C 267 -34.59 -1.71 -32.92
C GLU C 267 -33.64 -2.66 -33.67
N GLN C 268 -32.70 -2.12 -34.43
CA GLN C 268 -31.72 -2.97 -35.13
C GLN C 268 -30.91 -3.75 -34.14
N ARG C 269 -30.46 -3.04 -33.12
CA ARG C 269 -29.63 -3.58 -32.05
C ARG C 269 -30.34 -4.57 -31.10
N PHE C 270 -31.58 -4.28 -30.68
CA PHE C 270 -32.26 -5.04 -29.57
C PHE C 270 -33.63 -5.79 -29.79
N LYS C 271 -34.30 -5.69 -30.94
CA LYS C 271 -35.64 -6.31 -31.08
C LYS C 271 -35.67 -7.82 -30.76
N MET D 1 24.19 11.80 -9.03
CA MET D 1 22.87 11.51 -8.38
C MET D 1 22.42 12.63 -7.43
N ALA D 2 22.71 13.89 -7.82
CA ALA D 2 22.68 15.09 -6.93
C ALA D 2 21.78 16.29 -7.40
N LEU D 3 21.79 16.57 -8.69
CA LEU D 3 20.71 17.27 -9.33
C LEU D 3 19.44 16.37 -9.36
N TYR D 4 19.61 15.06 -9.50
CA TYR D 4 18.54 14.08 -9.47
C TYR D 4 17.88 14.05 -8.11
N GLY D 5 18.70 14.01 -7.07
CA GLY D 5 18.22 13.86 -5.72
C GLY D 5 17.45 15.10 -5.35
N PHE D 6 18.03 16.24 -5.72
CA PHE D 6 17.41 17.53 -5.51
C PHE D 6 16.07 17.58 -6.27
N ALA D 7 16.02 17.12 -7.52
CA ALA D 7 14.74 17.17 -8.25
C ALA D 7 13.72 16.23 -7.58
N GLN D 8 14.17 15.07 -7.16
CA GLN D 8 13.27 14.12 -6.51
C GLN D 8 12.70 14.68 -5.20
N GLY D 9 13.55 15.26 -4.37
CA GLY D 9 13.06 15.80 -3.11
C GLY D 9 12.12 16.98 -3.30
N LEU D 10 12.38 17.77 -4.32
CA LEU D 10 11.60 18.96 -4.64
C LEU D 10 10.19 18.64 -5.14
N ILE D 11 10.09 17.67 -6.06
CA ILE D 11 8.76 17.29 -6.60
C ILE D 11 7.92 16.69 -5.49
N GLN D 12 8.55 15.87 -4.65
CA GLN D 12 7.86 15.27 -3.47
C GLN D 12 7.33 16.28 -2.47
N GLU D 13 8.12 17.32 -2.20
CA GLU D 13 7.71 18.38 -1.29
C GLU D 13 6.55 19.25 -1.90
N ALA D 14 6.57 19.44 -3.20
CA ALA D 14 5.55 20.16 -3.91
C ALA D 14 4.22 19.40 -3.77
N GLY D 15 4.26 18.08 -3.89
CA GLY D 15 3.05 17.29 -3.70
C GLY D 15 2.49 17.40 -2.30
N ILE D 16 3.38 17.35 -1.28
CA ILE D 16 2.94 17.61 0.13
C ILE D 16 2.26 18.98 0.27
N ARG D 17 2.73 19.99 -0.46
CA ARG D 17 2.15 21.34 -0.42
C ARG D 17 0.84 21.40 -1.16
N ILE D 18 0.74 20.70 -2.29
CA ILE D 18 -0.57 20.59 -2.94
C ILE D 18 -1.61 20.05 -1.95
N LYS D 19 -1.30 18.97 -1.24
CA LYS D 19 -2.29 18.34 -0.38
C LYS D 19 -2.70 19.17 0.84
N GLN D 20 -1.78 19.99 1.37
CA GLN D 20 -2.09 20.91 2.47
C GLN D 20 -3.10 21.97 2.05
N LEU D 21 -2.83 22.61 0.92
CA LEU D 21 -3.74 23.59 0.35
C LEU D 21 -5.13 22.97 0.14
N MET D 22 -5.20 21.76 -0.41
CA MET D 22 -6.52 21.15 -0.65
C MET D 22 -7.24 20.93 0.70
N GLU D 23 -6.59 20.23 1.65
CA GLU D 23 -7.15 20.05 3.00
C GLU D 23 -7.23 21.40 3.75
N GLN D 24 -8.22 22.20 3.35
CA GLN D 24 -8.34 23.63 3.67
C GLN D 24 -9.50 24.17 2.79
N ASN D 25 -9.20 24.79 1.64
CA ASN D 25 -10.25 25.24 0.72
C ASN D 25 -10.88 24.04 0.02
N LEU D 37 -9.87 27.57 -7.10
CA LEU D 37 -8.92 26.87 -6.20
C LEU D 37 -7.78 26.19 -6.95
N VAL D 38 -8.09 25.47 -8.04
CA VAL D 38 -7.05 24.84 -8.85
C VAL D 38 -6.04 25.90 -9.20
N THR D 39 -6.50 27.11 -9.51
CA THR D 39 -5.61 28.25 -9.83
C THR D 39 -4.66 28.63 -8.70
N ASN D 40 -5.21 28.89 -7.51
CA ASN D 40 -4.42 29.14 -6.27
C ASN D 40 -3.37 28.01 -6.11
N VAL D 41 -3.83 26.76 -6.19
CA VAL D 41 -2.96 25.59 -6.02
C VAL D 41 -1.93 25.47 -7.16
N ASP D 42 -2.35 25.77 -8.39
CA ASP D 42 -1.47 25.73 -9.57
C ASP D 42 -0.38 26.78 -9.43
N LYS D 43 -0.79 28.05 -9.28
CA LYS D 43 0.14 29.17 -9.00
C LYS D 43 1.07 28.88 -7.81
N ALA D 44 0.50 28.44 -6.70
CA ALA D 44 1.34 28.14 -5.54
C ALA D 44 2.44 27.14 -5.89
N THR D 45 2.06 26.03 -6.54
CA THR D 45 2.98 24.97 -6.92
C THR D 45 4.08 25.47 -7.88
N GLU D 46 3.69 26.20 -8.90
CA GLU D 46 4.70 26.82 -9.77
C GLU D 46 5.65 27.78 -9.05
N ASP D 47 5.12 28.61 -8.14
CA ASP D 47 5.99 29.51 -7.39
C ASP D 47 7.04 28.65 -6.68
N PHE D 48 6.57 27.59 -6.02
CA PHE D 48 7.44 26.77 -5.22
C PHE D 48 8.50 26.06 -6.07
N ILE D 49 8.09 25.45 -7.15
CA ILE D 49 9.05 24.69 -7.91
C ILE D 49 9.96 25.68 -8.60
N PHE D 50 9.38 26.65 -9.32
CA PHE D 50 10.18 27.59 -10.11
C PHE D 50 11.14 28.38 -9.21
N ASP D 51 10.69 28.92 -8.07
CA ASP D 51 11.57 29.76 -7.26
C ASP D 51 12.68 28.92 -6.61
N THR D 52 12.39 27.69 -6.20
CA THR D 52 13.40 26.83 -5.58
C THR D 52 14.49 26.39 -6.59
N ILE D 53 14.07 26.07 -7.82
CA ILE D 53 15.05 25.70 -8.86
C ILE D 53 16.03 26.90 -9.08
N LEU D 54 15.49 28.12 -9.21
CA LEU D 54 16.30 29.32 -9.58
C LEU D 54 17.22 29.88 -8.48
N GLU D 55 16.74 29.83 -7.24
CA GLU D 55 17.56 30.16 -6.06
C GLU D 55 18.75 29.22 -5.93
N THR D 56 18.50 27.91 -6.01
CA THR D 56 19.59 26.91 -5.96
C THR D 56 20.46 26.86 -7.26
N TYR D 57 19.87 27.17 -8.41
CA TYR D 57 20.57 27.14 -9.70
C TYR D 57 20.26 28.37 -10.55
N PRO D 58 20.94 29.48 -10.27
CA PRO D 58 20.70 30.69 -11.02
C PRO D 58 21.09 30.61 -12.49
N ASN D 59 21.98 29.72 -12.88
CA ASN D 59 22.33 29.66 -14.32
C ASN D 59 21.47 28.71 -15.20
N HIS D 60 20.50 28.02 -14.61
CA HIS D 60 19.57 27.16 -15.33
C HIS D 60 18.39 27.98 -15.78
N GLN D 61 17.62 27.37 -16.64
CA GLN D 61 16.44 27.96 -17.18
C GLN D 61 15.26 27.03 -16.87
N VAL D 62 14.08 27.62 -16.89
CA VAL D 62 12.82 26.94 -16.59
C VAL D 62 11.95 27.14 -17.82
N LEU D 63 11.47 26.04 -18.36
CA LEU D 63 10.54 26.07 -19.48
C LEU D 63 9.20 25.62 -18.88
N GLY D 64 8.23 26.55 -18.97
CA GLY D 64 6.89 26.34 -18.42
C GLY D 64 5.89 27.27 -19.04
N GLU D 65 4.61 27.05 -18.73
CA GLU D 65 3.60 28.15 -18.83
C GLU D 65 4.04 29.44 -18.04
N ASP D 71 10.84 31.76 -26.83
CA ASP D 71 11.41 32.70 -25.84
C ASP D 71 12.79 32.18 -25.42
N ILE D 72 12.86 30.91 -25.00
CA ILE D 72 14.10 30.28 -24.44
C ILE D 72 14.90 29.46 -25.46
N ASP D 73 16.21 29.55 -25.40
CA ASP D 73 17.10 28.62 -26.11
C ASP D 73 17.22 27.32 -25.28
N THR D 74 16.49 26.26 -25.68
CA THR D 74 16.47 24.98 -24.93
C THR D 74 17.67 24.08 -25.19
N SER D 75 18.48 24.42 -26.18
CA SER D 75 19.72 23.69 -26.44
C SER D 75 20.87 24.12 -25.51
N LYS D 76 20.71 25.24 -24.78
CA LYS D 76 21.79 25.83 -23.97
C LYS D 76 21.65 25.47 -22.48
N GLY D 77 22.71 24.85 -21.94
CA GLY D 77 22.79 24.47 -20.52
C GLY D 77 21.73 23.51 -19.98
N THR D 78 21.31 23.76 -18.73
CA THR D 78 20.42 22.91 -17.99
C THR D 78 19.04 23.57 -17.95
N VAL D 79 18.05 22.89 -18.51
CA VAL D 79 16.68 23.37 -18.60
C VAL D 79 15.74 22.39 -17.81
N TRP D 80 14.91 22.96 -16.93
CA TRP D 80 13.86 22.24 -16.24
C TRP D 80 12.58 22.48 -17.01
N VAL D 81 12.00 21.42 -17.55
CA VAL D 81 10.71 21.56 -18.22
C VAL D 81 9.62 20.96 -17.33
N VAL D 82 8.85 21.87 -16.73
CA VAL D 82 8.01 21.53 -15.62
C VAL D 82 6.58 21.89 -15.91
N ASP D 83 5.68 21.00 -15.50
CA ASP D 83 4.23 21.24 -15.47
C ASP D 83 3.87 21.04 -14.01
N PRO D 84 3.66 22.14 -13.30
CA PRO D 84 3.24 22.11 -11.89
C PRO D 84 2.03 21.22 -11.64
N ILE D 85 0.99 21.39 -12.46
CA ILE D 85 -0.15 20.47 -12.43
C ILE D 85 -0.58 20.11 -13.83
N ASP D 86 -0.24 18.89 -14.27
CA ASP D 86 -0.78 18.29 -15.48
C ASP D 86 -2.05 17.49 -15.19
N GLY D 87 -3.10 17.92 -15.88
CA GLY D 87 -4.46 17.48 -15.64
C GLY D 87 -5.21 18.38 -14.71
N THR D 88 -5.34 19.65 -15.07
CA THR D 88 -6.02 20.63 -14.18
C THR D 88 -7.51 20.37 -14.16
N LEU D 89 -8.07 19.95 -15.28
CA LEU D 89 -9.50 19.52 -15.30
C LEU D 89 -9.82 18.34 -14.36
N ASN D 90 -8.97 17.32 -14.34
CA ASN D 90 -9.09 16.23 -13.38
C ASN D 90 -9.00 16.70 -11.91
N PHE D 91 -8.13 17.67 -11.64
CA PHE D 91 -8.00 18.29 -10.32
C PHE D 91 -9.31 19.00 -9.93
N VAL D 92 -9.88 19.80 -10.80
CA VAL D 92 -11.13 20.52 -10.53
C VAL D 92 -12.30 19.58 -10.32
N HIS D 93 -12.52 18.64 -11.24
CA HIS D 93 -13.69 17.75 -11.15
C HIS D 93 -13.56 16.50 -10.27
N GLN D 94 -12.36 15.95 -10.16
CA GLN D 94 -12.13 14.66 -9.48
C GLN D 94 -11.26 14.72 -8.24
N GLN D 95 -10.47 15.78 -8.06
CA GLN D 95 -9.56 15.90 -6.92
C GLN D 95 -8.54 14.76 -6.92
N GLU D 96 -8.17 14.30 -8.12
CA GLU D 96 -7.24 13.22 -8.30
C GLU D 96 -6.92 13.03 -9.78
N ASN D 97 -6.01 12.09 -10.08
CA ASN D 97 -5.59 11.80 -11.46
C ASN D 97 -4.87 12.95 -12.16
N PHE D 98 -4.10 13.69 -11.38
CA PHE D 98 -3.32 14.81 -11.84
C PHE D 98 -1.88 14.58 -11.37
N ALA D 99 -0.91 15.18 -12.07
CA ALA D 99 0.47 14.94 -11.77
C ALA D 99 1.30 16.20 -11.88
N ILE D 100 2.39 16.25 -11.10
CA ILE D 100 3.44 17.21 -11.28
C ILE D 100 4.41 16.54 -12.22
N SER D 101 4.84 17.26 -13.26
CA SER D 101 5.78 16.72 -14.26
C SER D 101 7.04 17.59 -14.37
N ILE D 102 8.24 16.98 -14.39
CA ILE D 102 9.52 17.64 -14.53
C ILE D 102 10.43 16.83 -15.46
N GLY D 103 10.89 17.45 -16.56
CA GLY D 103 11.93 16.86 -17.38
C GLY D 103 13.17 17.74 -17.22
N ILE D 104 14.33 17.13 -16.96
CA ILE D 104 15.57 17.87 -16.88
C ILE D 104 16.34 17.55 -18.14
N TYR D 105 16.67 18.61 -18.89
CA TYR D 105 17.59 18.54 -20.05
C TYR D 105 18.95 19.28 -19.84
N ILE D 106 20.00 18.67 -20.38
CA ILE D 106 21.34 19.24 -20.34
C ILE D 106 21.91 19.25 -21.78
N ASP D 107 22.22 20.46 -22.25
CA ASP D 107 22.84 20.69 -23.57
C ASP D 107 22.00 20.10 -24.69
N GLY D 108 20.68 20.29 -24.59
CA GLY D 108 19.72 19.77 -25.56
C GLY D 108 19.26 18.32 -25.38
N LYS D 109 19.78 17.60 -24.38
CA LYS D 109 19.64 16.16 -24.27
C LYS D 109 18.91 15.83 -22.95
N PRO D 110 18.06 14.79 -22.99
CA PRO D 110 17.41 14.33 -21.75
C PRO D 110 18.38 13.81 -20.70
N TYR D 111 18.15 14.22 -19.45
CA TYR D 111 18.88 13.71 -18.28
C TYR D 111 17.98 12.88 -17.32
N ALA D 112 16.82 13.43 -16.95
CA ALA D 112 15.97 12.84 -15.90
C ALA D 112 14.54 13.27 -16.10
N GLY D 113 13.63 12.43 -15.65
CA GLY D 113 12.20 12.73 -15.80
C GLY D 113 11.49 12.16 -14.61
N PHE D 114 10.52 12.94 -14.16
CA PHE D 114 9.76 12.68 -12.98
C PHE D 114 8.29 12.97 -13.28
N VAL D 115 7.39 12.00 -13.04
CA VAL D 115 5.93 12.30 -12.94
C VAL D 115 5.30 11.75 -11.66
N TYR D 116 4.75 12.69 -10.86
CA TYR D 116 4.32 12.44 -9.51
C TYR D 116 2.82 12.46 -9.47
N ASP D 117 2.22 11.29 -9.26
CA ASP D 117 0.82 11.15 -9.08
C ASP D 117 0.54 11.47 -7.66
N VAL D 118 0.24 12.74 -7.40
CA VAL D 118 0.14 13.27 -6.03
C VAL D 118 -0.89 12.53 -5.14
N MET D 119 -2.11 12.28 -5.58
CA MET D 119 -3.12 11.72 -4.67
C MET D 119 -3.04 10.23 -4.44
N ALA D 120 -2.26 9.52 -5.27
CA ALA D 120 -1.92 8.11 -5.00
C ALA D 120 -0.56 7.96 -4.30
N ASP D 121 0.14 9.07 -4.19
CA ASP D 121 1.49 9.06 -3.60
C ASP D 121 2.35 8.04 -4.38
N VAL D 122 2.35 8.16 -5.72
CA VAL D 122 3.27 7.43 -6.57
C VAL D 122 4.13 8.34 -7.44
N LEU D 123 5.45 8.23 -7.24
CA LEU D 123 6.45 8.89 -8.03
C LEU D 123 7.07 7.95 -9.11
N TYR D 124 6.87 8.30 -10.39
CA TYR D 124 7.54 7.63 -11.53
C TYR D 124 8.78 8.50 -11.83
N HIS D 125 9.94 7.87 -11.92
CA HIS D 125 11.21 8.57 -12.14
C HIS D 125 12.26 7.69 -12.86
N ALA D 126 13.13 8.39 -13.59
CA ALA D 126 14.15 7.79 -14.40
C ALA D 126 15.28 8.79 -14.64
N LYS D 127 16.54 8.31 -14.49
CA LYS D 127 17.75 8.97 -14.99
C LYS D 127 18.14 8.26 -16.29
N VAL D 128 18.42 9.02 -17.34
CA VAL D 128 18.78 8.44 -18.63
C VAL D 128 19.83 7.34 -18.52
N GLY D 129 19.64 6.29 -19.33
CA GLY D 129 20.45 5.07 -19.24
C GLY D 129 20.50 4.34 -17.90
N GLU D 130 19.61 4.67 -16.95
CA GLU D 130 19.68 4.04 -15.61
C GLU D 130 18.42 3.30 -15.16
N GLY D 131 17.51 3.02 -16.08
CA GLY D 131 16.23 2.32 -15.75
C GLY D 131 15.13 3.29 -15.29
N ALA D 132 13.88 2.80 -15.29
CA ALA D 132 12.73 3.56 -14.81
C ALA D 132 12.16 2.92 -13.55
N TYR D 133 11.58 3.75 -12.70
CA TYR D 133 11.10 3.31 -11.40
C TYR D 133 9.69 3.79 -11.09
N ARG D 134 8.97 2.93 -10.40
CA ARG D 134 7.72 3.23 -9.73
C ARG D 134 8.07 3.15 -8.24
N GLY D 135 8.11 4.30 -7.57
CA GLY D 135 8.68 4.39 -6.22
C GLY D 135 10.09 3.84 -6.23
N SER D 136 10.35 2.82 -5.42
CA SER D 136 11.65 2.14 -5.42
C SER D 136 11.72 0.88 -6.32
N GLN D 137 10.60 0.47 -6.92
CA GLN D 137 10.54 -0.74 -7.77
C GLN D 137 10.82 -0.40 -9.22
N PRO D 138 11.67 -1.21 -9.87
CA PRO D 138 11.98 -0.98 -11.28
C PRO D 138 10.84 -1.38 -12.23
N LEU D 139 10.71 -0.67 -13.36
CA LEU D 139 9.76 -1.04 -14.40
C LEU D 139 10.42 -2.05 -15.36
N LYS D 140 9.65 -3.04 -15.77
CA LYS D 140 10.09 -4.05 -16.71
C LYS D 140 10.07 -3.39 -18.07
N PRO D 141 10.98 -3.80 -18.96
CA PRO D 141 10.88 -3.33 -20.33
C PRO D 141 9.56 -3.77 -21.06
N LEU D 142 9.22 -3.04 -22.12
CA LEU D 142 7.99 -3.27 -22.89
C LEU D 142 8.21 -4.36 -23.93
N ASN D 143 7.14 -5.10 -24.25
CA ASN D 143 7.16 -6.08 -25.36
C ASN D 143 6.38 -5.52 -26.52
N ASP D 144 6.72 -5.98 -27.71
CA ASP D 144 5.93 -5.68 -28.90
C ASP D 144 4.47 -6.20 -28.78
N SER D 145 3.59 -5.53 -29.52
CA SER D 145 2.20 -5.90 -29.52
C SER D 145 1.65 -5.54 -30.87
N ASN D 146 0.68 -6.33 -31.27
CA ASN D 146 -0.08 -6.05 -32.49
C ASN D 146 -1.17 -5.00 -32.17
N LEU D 147 -1.45 -4.12 -33.13
CA LEU D 147 -2.43 -3.09 -32.91
C LEU D 147 -3.79 -3.69 -32.58
N ARG D 148 -4.19 -4.72 -33.30
CA ARG D 148 -5.47 -5.41 -33.01
C ARG D 148 -5.61 -5.95 -31.59
N GLN D 149 -4.49 -6.33 -30.95
CA GLN D 149 -4.49 -6.72 -29.56
C GLN D 149 -4.00 -5.57 -28.61
N SER D 150 -4.18 -4.30 -29.02
CA SER D 150 -3.67 -3.22 -28.23
C SER D 150 -4.76 -2.24 -27.79
N ILE D 151 -4.65 -1.71 -26.57
CA ILE D 151 -5.57 -0.64 -26.09
C ILE D 151 -4.84 0.66 -26.29
N ILE D 152 -5.51 1.65 -26.86
CA ILE D 152 -4.86 2.93 -27.11
C ILE D 152 -5.44 4.00 -26.23
N GLY D 153 -4.62 4.99 -25.85
CA GLY D 153 -5.08 6.22 -25.23
C GLY D 153 -5.33 7.31 -26.28
N ILE D 154 -6.56 7.80 -26.38
CA ILE D 154 -6.90 8.93 -27.27
C ILE D 154 -8.16 9.61 -26.72
N ASN D 155 -8.14 10.92 -26.54
CA ASN D 155 -9.33 11.63 -26.01
C ASN D 155 -10.39 11.61 -27.11
N PRO D 156 -11.64 11.24 -26.77
CA PRO D 156 -12.68 11.24 -27.81
C PRO D 156 -12.92 12.56 -28.53
N ASN D 157 -12.75 13.65 -27.83
CA ASN D 157 -12.72 14.99 -28.40
C ASN D 157 -11.90 15.24 -29.68
N TRP D 158 -10.80 14.52 -29.87
CA TRP D 158 -10.05 14.64 -31.12
C TRP D 158 -10.82 14.00 -32.30
N LEU D 159 -11.74 13.09 -32.04
CA LEU D 159 -12.50 12.45 -33.11
C LEU D 159 -13.69 13.33 -33.61
N THR D 160 -13.96 14.46 -32.98
CA THR D 160 -14.99 15.37 -33.46
C THR D 160 -14.44 16.26 -34.54
N LYS D 161 -13.17 16.67 -34.39
CA LYS D 161 -12.59 17.65 -35.29
C LYS D 161 -12.66 17.31 -36.79
N PRO D 162 -12.55 18.35 -37.64
CA PRO D 162 -12.64 18.17 -39.09
C PRO D 162 -11.83 16.97 -39.64
N ILE D 163 -10.51 17.16 -39.76
CA ILE D 163 -9.63 16.24 -40.43
C ILE D 163 -8.99 15.28 -39.43
N LEU D 164 -9.03 15.61 -38.15
CA LEU D 164 -8.51 14.72 -37.09
C LEU D 164 -9.33 13.44 -37.01
N GLY D 165 -10.64 13.60 -37.15
CA GLY D 165 -11.53 12.41 -37.18
C GLY D 165 -11.05 11.41 -38.21
N GLU D 166 -10.72 11.88 -39.41
CA GLU D 166 -10.29 10.98 -40.51
C GLU D 166 -8.89 10.45 -40.24
N ILE D 167 -8.01 11.28 -39.71
CA ILE D 167 -6.66 10.84 -39.34
C ILE D 167 -6.70 9.68 -38.32
N PHE D 168 -7.57 9.75 -37.32
CA PHE D 168 -7.56 8.75 -36.24
C PHE D 168 -8.52 7.55 -36.38
N LYS D 169 -9.37 7.57 -37.42
CA LYS D 169 -10.47 6.62 -37.60
C LYS D 169 -10.00 5.19 -37.57
N GLU D 170 -9.07 4.87 -38.47
CA GLU D 170 -8.68 3.50 -38.68
C GLU D 170 -7.87 2.98 -37.46
N ILE D 171 -7.13 3.86 -36.78
CA ILE D 171 -6.34 3.44 -35.63
C ILE D 171 -7.29 3.07 -34.45
N VAL D 172 -8.37 3.83 -34.30
CA VAL D 172 -9.39 3.52 -33.33
C VAL D 172 -10.16 2.24 -33.71
N ASN D 173 -10.72 2.19 -34.91
CA ASN D 173 -11.47 1.01 -35.36
C ASN D 173 -10.69 -0.30 -35.32
N ASP D 174 -9.40 -0.21 -35.53
CA ASP D 174 -8.59 -1.42 -35.60
C ASP D 174 -8.06 -1.91 -34.26
N SER D 175 -7.72 -0.92 -33.41
CA SER D 175 -7.16 -1.25 -32.07
C SER D 175 -8.22 -2.02 -31.31
N ARG D 176 -7.78 -2.80 -30.32
CA ARG D 176 -8.68 -3.57 -29.46
C ARG D 176 -9.73 -2.72 -28.69
N SER D 177 -9.31 -1.67 -28.00
CA SER D 177 -10.27 -0.65 -27.48
C SER D 177 -9.52 0.66 -27.22
N ALA D 178 -10.18 1.67 -26.67
CA ALA D 178 -9.54 2.97 -26.44
C ALA D 178 -9.90 3.43 -25.04
N ARG D 179 -9.01 4.26 -24.48
CA ARG D 179 -9.12 4.85 -23.15
C ARG D 179 -8.75 6.36 -23.17
N ALA D 180 -9.17 7.11 -22.15
CA ALA D 180 -8.71 8.52 -22.00
C ALA D 180 -8.83 8.92 -20.55
N TYR D 181 -7.72 9.35 -19.98
CA TYR D 181 -7.58 9.57 -18.55
C TYR D 181 -7.49 11.07 -18.23
N GLY D 182 -6.98 11.86 -19.15
CA GLY D 182 -7.02 13.30 -18.99
C GLY D 182 -5.76 13.98 -18.49
N SER D 183 -4.71 13.21 -18.17
CA SER D 183 -3.38 13.73 -17.90
C SER D 183 -2.37 13.07 -18.82
N ALA D 184 -1.75 13.85 -19.74
CA ALA D 184 -0.83 13.32 -20.76
C ALA D 184 0.42 12.74 -20.12
N ALA D 185 0.87 13.39 -19.05
CA ALA D 185 1.94 12.92 -18.29
C ALA D 185 1.63 11.50 -17.80
N LEU D 186 0.47 11.36 -17.17
CA LEU D 186 0.10 10.06 -16.64
C LEU D 186 -0.24 9.04 -17.75
N GLU D 187 -0.68 9.48 -18.92
CA GLU D 187 -0.99 8.57 -20.01
C GLU D 187 0.30 8.07 -20.67
N ILE D 188 1.29 8.95 -20.86
CA ILE D 188 2.59 8.56 -21.31
C ILE D 188 3.21 7.55 -20.33
N VAL D 189 3.10 7.79 -19.03
CA VAL D 189 3.49 6.80 -18.02
C VAL D 189 2.70 5.47 -18.07
N SER D 190 1.39 5.54 -18.35
CA SER D 190 0.60 4.31 -18.53
C SER D 190 1.18 3.49 -19.66
N VAL D 191 1.77 4.15 -20.67
CA VAL D 191 2.50 3.41 -21.72
C VAL D 191 3.78 2.78 -21.15
N ALA D 192 4.50 3.53 -20.31
CA ALA D 192 5.74 3.00 -19.72
C ALA D 192 5.51 1.80 -18.82
N THR D 193 4.32 1.74 -18.18
CA THR D 193 4.00 0.66 -17.29
C THR D 193 3.27 -0.55 -17.91
N GLY D 194 2.85 -0.45 -19.17
CA GLY D 194 2.10 -1.51 -19.80
C GLY D 194 0.61 -1.43 -19.70
N ASN D 195 0.09 -0.37 -19.06
CA ASN D 195 -1.32 -0.20 -18.89
C ASN D 195 -2.05 0.29 -20.16
N LEU D 196 -1.36 1.00 -21.02
CA LEU D 196 -1.79 1.32 -22.37
C LEU D 196 -0.67 0.81 -23.34
N GLU D 197 -1.03 0.18 -24.44
CA GLU D 197 -0.01 -0.17 -25.43
C GLU D 197 0.42 1.05 -26.23
N ALA D 198 -0.48 2.01 -26.48
CA ALA D 198 -0.11 3.28 -27.08
C ALA D 198 -0.95 4.48 -26.62
N TYR D 199 -0.39 5.69 -26.83
CA TYR D 199 -1.04 6.96 -26.51
C TYR D 199 -0.73 7.94 -27.63
N MET D 200 -1.73 8.73 -28.03
CA MET D 200 -1.62 9.70 -29.08
C MET D 200 -2.52 10.96 -28.83
N THR D 201 -1.97 12.12 -29.25
CA THR D 201 -2.69 13.38 -29.33
C THR D 201 -2.07 14.27 -30.40
N PRO D 202 -2.90 15.10 -31.06
CA PRO D 202 -2.36 15.99 -32.12
C PRO D 202 -1.66 17.19 -31.58
N ARG D 203 -1.72 17.42 -30.28
CA ARG D 203 -1.12 18.63 -29.74
C ARG D 203 -0.85 18.54 -28.23
N LEU D 204 0.40 18.80 -27.88
CA LEU D 204 0.83 18.84 -26.49
C LEU D 204 1.96 19.89 -26.35
N GLN D 205 2.11 20.49 -25.18
CA GLN D 205 3.31 21.29 -24.88
C GLN D 205 4.51 20.50 -24.34
N PRO D 206 5.74 21.06 -24.43
CA PRO D 206 6.91 20.33 -23.96
C PRO D 206 6.84 19.92 -22.50
N TRP D 207 6.23 20.77 -21.70
CA TRP D 207 6.05 20.50 -20.26
C TRP D 207 5.14 19.33 -19.94
N ASP D 208 4.22 18.97 -20.84
CA ASP D 208 3.30 17.84 -20.67
C ASP D 208 3.93 16.48 -20.92
N PHE D 209 4.98 16.44 -21.73
CA PHE D 209 5.62 15.18 -22.14
C PHE D 209 7.07 14.95 -21.72
N ALA D 210 7.79 16.02 -21.35
CA ALA D 210 9.24 15.90 -21.13
C ALA D 210 9.59 14.97 -19.98
N GLY D 211 8.85 15.03 -18.88
CA GLY D 211 9.09 14.08 -17.76
C GLY D 211 8.82 12.67 -18.21
N GLY D 212 7.61 12.44 -18.68
CA GLY D 212 7.14 11.16 -19.15
C GLY D 212 8.02 10.45 -20.12
N LEU D 213 8.63 11.19 -21.05
CA LEU D 213 9.39 10.61 -22.13
C LEU D 213 10.68 9.88 -21.68
N VAL D 214 11.37 10.42 -20.70
CA VAL D 214 12.59 9.76 -20.19
C VAL D 214 12.18 8.41 -19.53
N ILE D 215 11.05 8.37 -18.80
CA ILE D 215 10.56 7.14 -18.16
C ILE D 215 10.30 6.08 -19.25
N LEU D 216 9.53 6.50 -20.24
CA LEU D 216 9.20 5.70 -21.40
C LEU D 216 10.43 5.17 -22.14
N TYR D 217 11.38 6.05 -22.40
CA TYR D 217 12.55 5.58 -23.17
C TYR D 217 13.39 4.63 -22.36
N GLU D 218 13.38 4.79 -21.05
CA GLU D 218 14.04 3.83 -20.19
C GLU D 218 13.39 2.44 -20.10
N VAL D 219 12.17 2.24 -20.59
CA VAL D 219 11.58 0.87 -20.69
C VAL D 219 11.51 0.38 -22.13
N ASN D 220 12.33 0.99 -22.96
CA ASN D 220 12.42 0.63 -24.33
C ASN D 220 11.27 1.03 -25.19
N GLY D 221 10.47 2.00 -24.75
CA GLY D 221 9.35 2.45 -25.52
C GLY D 221 9.84 3.42 -26.56
N GLN D 222 8.91 3.93 -27.33
CA GLN D 222 9.24 4.72 -28.48
C GLN D 222 8.27 5.85 -28.62
N ALA D 223 8.82 7.04 -28.97
CA ALA D 223 8.13 8.28 -29.09
C ALA D 223 8.51 9.04 -30.36
N SER D 224 7.51 9.69 -30.96
CA SER D 224 7.66 10.56 -32.08
C SER D 224 6.42 11.46 -32.10
N ASN D 225 6.38 12.38 -33.04
CA ASN D 225 5.16 13.02 -33.37
C ASN D 225 4.39 12.11 -34.33
N LEU D 226 3.28 12.61 -34.85
CA LEU D 226 2.41 11.79 -35.69
C LEU D 226 2.97 11.58 -37.07
N LEU D 227 4.00 12.36 -37.42
CA LEU D 227 4.75 12.20 -38.65
C LEU D 227 6.02 11.33 -38.51
N GLY D 228 6.29 10.82 -37.31
CA GLY D 228 7.50 9.99 -37.08
C GLY D 228 8.76 10.76 -36.74
N GLU D 229 8.64 12.07 -36.58
CA GLU D 229 9.82 12.94 -36.35
C GLU D 229 10.20 12.89 -34.87
N PRO D 230 11.46 13.17 -34.54
CA PRO D 230 11.79 13.13 -33.13
C PRO D 230 11.13 14.27 -32.40
N LEU D 231 10.76 14.00 -31.15
CA LEU D 231 10.14 14.99 -30.27
C LEU D 231 11.23 15.81 -29.65
N THR D 232 11.16 17.12 -29.80
CA THR D 232 11.96 18.00 -28.99
C THR D 232 11.13 18.88 -28.06
N ILE D 233 11.84 19.52 -27.15
CA ILE D 233 11.27 20.47 -26.23
C ILE D 233 11.35 21.89 -26.76
N SER D 234 11.67 22.07 -28.04
CA SER D 234 11.78 23.43 -28.65
C SER D 234 10.44 24.01 -29.05
N GLY D 235 9.39 23.18 -29.04
CA GLY D 235 8.02 23.67 -29.14
C GLY D 235 6.91 22.60 -28.99
N PRO D 236 5.66 23.06 -29.12
CA PRO D 236 4.54 22.13 -29.10
C PRO D 236 4.63 21.14 -30.28
N ASN D 237 4.11 19.94 -30.07
CA ASN D 237 4.04 18.98 -31.14
C ASN D 237 2.91 17.99 -30.98
N SER D 238 2.63 17.28 -32.07
CA SER D 238 1.84 16.07 -31.99
C SER D 238 2.67 14.94 -31.32
N ILE D 239 2.00 13.89 -30.84
CA ILE D 239 2.62 12.88 -30.00
C ILE D 239 1.99 11.51 -30.36
N LEU D 240 2.84 10.50 -30.61
CA LEU D 240 2.48 9.09 -30.63
C LEU D 240 3.56 8.38 -29.84
N VAL D 241 3.15 7.64 -28.81
CA VAL D 241 4.05 6.81 -27.96
C VAL D 241 3.51 5.41 -27.78
N GLY D 242 4.40 4.43 -27.66
CA GLY D 242 3.99 3.04 -27.66
C GLY D 242 5.14 2.09 -27.46
N ASN D 243 4.87 0.80 -27.32
CA ASN D 243 5.95 -0.19 -27.49
C ASN D 243 6.40 -0.15 -28.93
N ARG D 244 7.61 -0.63 -29.19
CA ARG D 244 8.25 -0.48 -30.50
C ARG D 244 7.43 -0.98 -31.66
N GLY D 245 6.95 -2.20 -31.52
CA GLY D 245 6.24 -2.86 -32.63
C GLY D 245 4.94 -2.14 -32.95
N LEU D 246 4.18 -1.81 -31.93
CA LEU D 246 2.91 -1.18 -32.25
C LEU D 246 3.07 0.31 -32.69
N HIS D 247 4.15 0.95 -32.21
CA HIS D 247 4.53 2.27 -32.71
C HIS D 247 4.75 2.25 -34.23
N GLN D 248 5.50 1.26 -34.73
CA GLN D 248 5.75 1.15 -36.17
C GLN D 248 4.51 0.77 -36.94
N GLU D 249 3.66 -0.12 -36.41
CA GLU D 249 2.41 -0.46 -37.12
C GLU D 249 1.50 0.76 -37.19
N ILE D 250 1.40 1.58 -36.13
CA ILE D 250 0.48 2.69 -36.17
C ILE D 250 1.00 3.71 -37.16
N SER D 251 2.31 3.99 -37.13
CA SER D 251 2.91 5.03 -37.97
C SER D 251 2.92 4.63 -39.44
N ASN D 252 3.45 3.43 -39.71
CA ASN D 252 3.71 2.99 -41.06
C ASN D 252 2.44 2.63 -41.76
N ASP D 253 1.56 1.97 -41.05
CA ASP D 253 0.46 1.39 -41.73
C ASP D 253 -0.75 2.39 -41.69
N TYR D 254 -0.98 3.07 -40.55
CA TYR D 254 -2.21 3.86 -40.38
C TYR D 254 -2.07 5.39 -40.50
N LEU D 255 -0.91 5.95 -40.12
CA LEU D 255 -0.73 7.42 -40.12
C LEU D 255 -0.11 7.96 -41.41
N GLU D 256 0.78 7.21 -42.05
CA GLU D 256 1.46 7.67 -43.31
C GLU D 256 0.55 8.05 -44.46
N PRO D 257 -0.61 7.38 -44.65
CA PRO D 257 -1.57 7.81 -45.70
C PRO D 257 -2.27 9.16 -45.42
N HIS D 258 -2.16 9.68 -44.20
CA HIS D 258 -2.58 11.04 -43.80
C HIS D 258 -1.42 12.07 -43.63
N HIS D 259 -0.21 11.78 -44.14
CA HIS D 259 0.96 12.70 -43.98
C HIS D 259 0.55 14.11 -44.37
N ASP D 260 -0.15 14.24 -45.49
CA ASP D 260 -0.47 15.55 -46.04
C ASP D 260 -1.39 16.33 -45.14
N ALA D 261 -2.49 15.73 -44.73
CA ALA D 261 -3.31 16.40 -43.76
C ALA D 261 -2.54 16.72 -42.47
N LEU D 262 -1.66 15.82 -42.02
CA LEU D 262 -0.87 16.09 -40.79
C LEU D 262 0.10 17.24 -40.96
N ILE D 263 0.65 17.42 -42.18
CA ILE D 263 1.51 18.58 -42.48
C ILE D 263 0.77 19.90 -42.41
N GLN D 264 -0.42 19.99 -42.98
CA GLN D 264 -1.19 21.27 -42.94
C GLN D 264 -1.56 21.75 -41.52
N LEU D 265 -1.47 20.88 -40.50
CA LEU D 265 -1.53 21.26 -39.08
C LEU D 265 -0.14 21.42 -38.49
#